data_1PYV
#
_entry.id   1PYV
#
_entity_poly.entity_id   1
_entity_poly.type   'polypeptide(L)'
_entity_poly.pdbx_seq_one_letter_code
;MASRRLLASLLRQSAQRGGGLISRSLGNSIPKSASRASSRASPKGFLLNRAVQY
;
_entity_poly.pdbx_strand_id   A
#
# COMPACT_ATOMS: atom_id res chain seq x y z
N ALA A 2 6.98 6.95 -12.77
CA ALA A 2 6.67 6.57 -11.41
C ALA A 2 5.57 7.49 -10.86
N SER A 3 4.47 7.53 -11.58
CA SER A 3 3.35 8.37 -11.18
C SER A 3 2.06 7.85 -11.82
N ARG A 4 1.09 7.55 -10.97
CA ARG A 4 -0.19 7.05 -11.44
C ARG A 4 -0.04 5.63 -12.00
N ARG A 5 0.76 5.52 -13.04
CA ARG A 5 1.00 4.23 -13.68
C ARG A 5 1.67 3.28 -12.68
N LEU A 6 2.27 3.86 -11.66
CA LEU A 6 2.94 3.07 -10.64
C LEU A 6 1.91 2.34 -9.79
N LEU A 7 0.84 3.06 -9.46
CA LEU A 7 -0.22 2.50 -8.66
C LEU A 7 -0.71 1.20 -9.29
N ALA A 8 -0.47 1.09 -10.60
CA ALA A 8 -0.87 -0.10 -11.33
C ALA A 8 -0.11 -1.31 -10.79
N SER A 9 1.21 -1.26 -10.94
CA SER A 9 2.06 -2.34 -10.48
C SER A 9 1.78 -2.62 -9.00
N LEU A 10 1.40 -1.57 -8.29
CA LEU A 10 1.11 -1.69 -6.88
C LEU A 10 -0.14 -2.55 -6.69
N LEU A 11 -1.08 -2.38 -7.62
CA LEU A 11 -2.33 -3.12 -7.57
C LEU A 11 -2.13 -4.48 -8.24
N ARG A 12 -1.60 -4.42 -9.46
CA ARG A 12 -1.36 -5.65 -10.22
C ARG A 12 -0.47 -6.60 -9.42
N GLN A 13 0.32 -6.01 -8.52
CA GLN A 13 1.22 -6.79 -7.70
C GLN A 13 0.48 -7.34 -6.48
N SER A 14 -0.44 -6.53 -5.97
CA SER A 14 -1.22 -6.92 -4.81
C SER A 14 -2.35 -7.85 -5.23
N ALA A 15 -2.66 -7.82 -6.52
CA ALA A 15 -3.72 -8.66 -7.06
C ALA A 15 -3.21 -10.09 -7.20
N GLN A 16 -2.05 -10.21 -7.83
CA GLN A 16 -1.44 -11.52 -8.04
C GLN A 16 -1.24 -12.23 -6.69
N ARG A 17 -1.24 -11.44 -5.64
CA ARG A 17 -1.07 -11.98 -4.30
C ARG A 17 -2.43 -12.13 -3.60
N GLY A 18 -3.48 -11.89 -4.37
CA GLY A 18 -4.83 -11.99 -3.84
C GLY A 18 -5.26 -10.68 -3.18
N GLY A 19 -4.36 -10.12 -2.40
CA GLY A 19 -4.63 -8.87 -1.72
C GLY A 19 -3.92 -8.82 -0.36
N GLY A 20 -2.64 -9.18 -0.38
CA GLY A 20 -1.84 -9.18 0.83
C GLY A 20 -0.58 -8.34 0.65
N LEU A 21 0.30 -8.44 1.64
CA LEU A 21 1.55 -7.69 1.60
C LEU A 21 1.24 -6.20 1.40
N ILE A 22 0.23 -5.74 2.10
CA ILE A 22 -0.18 -4.35 2.02
C ILE A 22 -1.55 -4.17 2.66
N SER A 23 -2.35 -5.23 2.57
CA SER A 23 -3.68 -5.20 3.15
C SER A 23 -3.61 -4.95 4.65
N ARG A 24 -2.84 -5.78 5.32
CA ARG A 24 -2.66 -5.65 6.76
C ARG A 24 -1.24 -5.19 7.09
N SER A 25 -0.30 -5.69 6.30
CA SER A 25 1.09 -5.34 6.50
C SER A 25 1.23 -3.84 6.73
N LEU A 26 1.37 -3.11 5.63
CA LEU A 26 1.51 -1.66 5.70
C LEU A 26 0.23 -1.06 6.29
N GLY A 27 -0.81 -1.87 6.31
CA GLY A 27 -2.09 -1.43 6.83
C GLY A 27 -2.12 -1.54 8.36
N ASN A 28 -1.04 -2.08 8.91
CA ASN A 28 -0.93 -2.25 10.35
C ASN A 28 -0.80 -0.88 11.01
N SER A 29 -0.44 0.10 10.19
CA SER A 29 -0.27 1.46 10.68
C SER A 29 -0.59 2.46 9.57
N ILE A 30 -1.76 2.29 8.97
CA ILE A 30 -2.18 3.17 7.90
C ILE A 30 -2.61 4.52 8.49
N PRO A 31 -3.22 4.44 9.69
CA PRO A 31 -3.69 5.64 10.37
C PRO A 31 -2.52 6.43 10.98
N LYS A 32 -1.45 5.69 11.25
CA LYS A 32 -0.26 6.31 11.81
C LYS A 32 0.61 6.88 10.69
N SER A 33 0.04 6.90 9.49
CA SER A 33 0.75 7.41 8.34
C SER A 33 1.80 6.40 7.88
N ALA A 34 1.47 5.13 8.04
CA ALA A 34 2.37 4.06 7.65
C ALA A 34 3.64 4.13 8.50
N SER A 35 3.47 4.66 9.71
CA SER A 35 4.60 4.80 10.62
C SER A 35 5.31 3.45 10.77
N ARG A 36 4.55 2.39 10.58
CA ARG A 36 5.10 1.04 10.69
C ARG A 36 5.57 0.55 9.32
N ALA A 37 6.41 1.35 8.70
CA ALA A 37 6.94 1.01 7.38
C ALA A 37 8.24 1.78 7.14
N SER A 38 8.10 2.91 6.46
CA SER A 38 9.25 3.74 6.16
C SER A 38 10.11 3.08 5.08
N SER A 39 10.72 1.98 5.45
CA SER A 39 11.58 1.25 4.52
C SER A 39 10.93 1.23 3.13
N ARG A 40 9.71 0.70 3.08
CA ARG A 40 8.99 0.60 1.84
C ARG A 40 7.55 1.10 2.02
N ALA A 41 7.43 2.41 2.18
CA ALA A 41 6.13 3.03 2.37
C ALA A 41 5.89 4.05 1.27
N SER A 42 6.88 4.19 0.41
CA SER A 42 6.80 5.13 -0.70
C SER A 42 5.90 4.56 -1.80
N PRO A 43 6.27 3.33 -2.26
CA PRO A 43 5.51 2.67 -3.30
C PRO A 43 4.20 2.12 -2.76
N LYS A 44 4.24 1.72 -1.50
CA LYS A 44 3.06 1.17 -0.85
C LYS A 44 2.21 2.31 -0.30
N GLY A 45 2.86 3.44 -0.07
CA GLY A 45 2.18 4.61 0.46
C GLY A 45 1.01 5.02 -0.45
N PHE A 46 1.35 5.27 -1.70
CA PHE A 46 0.35 5.67 -2.69
C PHE A 46 -0.84 4.71 -2.67
N LEU A 47 -0.53 3.44 -2.47
CA LEU A 47 -1.56 2.41 -2.43
C LEU A 47 -2.15 2.34 -1.03
N LEU A 48 -1.38 2.83 -0.07
CA LEU A 48 -1.82 2.82 1.32
C LEU A 48 -2.70 4.05 1.57
N ASN A 49 -2.50 5.07 0.75
CA ASN A 49 -3.27 6.29 0.88
C ASN A 49 -4.65 6.09 0.25
N ARG A 50 -4.69 5.26 -0.78
CA ARG A 50 -5.93 4.97 -1.46
C ARG A 50 -6.83 4.10 -0.60
N ALA A 51 -6.19 3.29 0.25
CA ALA A 51 -6.93 2.41 1.14
C ALA A 51 -7.73 3.24 2.12
N VAL A 52 -7.18 4.40 2.48
CA VAL A 52 -7.84 5.30 3.41
C VAL A 52 -8.83 6.18 2.65
N GLN A 53 -8.50 6.42 1.39
CA GLN A 53 -9.36 7.24 0.55
C GLN A 53 -10.72 6.58 0.35
N TYR A 54 -10.68 5.36 -0.17
CA TYR A 54 -11.90 4.60 -0.40
C TYR A 54 -12.93 4.85 0.71
N ALA A 2 5.99 6.44 -8.76
CA ALA A 2 6.18 6.95 -10.11
C ALA A 2 4.95 7.75 -10.51
N SER A 3 3.79 7.18 -10.22
CA SER A 3 2.52 7.83 -10.55
C SER A 3 1.38 6.82 -10.49
N ARG A 4 0.21 7.29 -10.89
CA ARG A 4 -0.97 6.43 -10.89
C ARG A 4 -0.61 5.02 -11.35
N ARG A 5 -0.11 4.94 -12.58
CA ARG A 5 0.28 3.66 -13.15
C ARG A 5 0.95 2.80 -12.08
N LEU A 6 1.76 3.45 -11.27
CA LEU A 6 2.47 2.75 -10.19
C LEU A 6 1.46 2.14 -9.23
N LEU A 7 0.68 3.02 -8.60
CA LEU A 7 -0.32 2.58 -7.65
C LEU A 7 -1.15 1.46 -8.28
N ALA A 8 -1.17 1.44 -9.61
CA ALA A 8 -1.92 0.43 -10.32
C ALA A 8 -1.11 -0.87 -10.36
N SER A 9 0.10 -0.76 -10.85
CA SER A 9 0.99 -1.90 -10.95
C SER A 9 1.26 -2.48 -9.55
N LEU A 10 1.15 -1.60 -8.56
CA LEU A 10 1.37 -2.00 -7.19
C LEU A 10 0.25 -2.93 -6.74
N LEU A 11 -0.93 -2.69 -7.29
CA LEU A 11 -2.09 -3.50 -6.96
C LEU A 11 -2.02 -4.82 -7.71
N ARG A 12 -1.74 -4.72 -9.00
CA ARG A 12 -1.64 -5.90 -9.85
C ARG A 12 -0.65 -6.89 -9.25
N GLN A 13 0.55 -6.40 -8.99
CA GLN A 13 1.60 -7.23 -8.42
C GLN A 13 1.09 -7.91 -7.15
N SER A 14 0.22 -7.21 -6.44
CA SER A 14 -0.34 -7.73 -5.20
C SER A 14 -1.45 -8.73 -5.52
N ALA A 15 -2.26 -8.39 -6.50
CA ALA A 15 -3.36 -9.23 -6.91
C ALA A 15 -2.81 -10.56 -7.43
N GLN A 16 -1.84 -10.45 -8.34
CA GLN A 16 -1.23 -11.63 -8.91
C GLN A 16 -0.40 -12.36 -7.86
N ARG A 17 -0.16 -11.69 -6.75
CA ARG A 17 0.61 -12.27 -5.66
C ARG A 17 -0.19 -13.37 -4.97
N GLY A 18 -1.51 -13.23 -5.03
CA GLY A 18 -2.39 -14.20 -4.41
C GLY A 18 -2.49 -13.99 -2.90
N GLY A 19 -1.32 -13.92 -2.27
CA GLY A 19 -1.25 -13.72 -0.84
C GLY A 19 -1.69 -12.30 -0.46
N GLY A 20 -0.94 -11.34 -0.98
CA GLY A 20 -1.23 -9.93 -0.71
C GLY A 20 -0.51 -9.46 0.55
N LEU A 21 0.76 -9.11 0.37
CA LEU A 21 1.57 -8.64 1.47
C LEU A 21 1.45 -7.12 1.57
N ILE A 22 0.23 -6.63 1.40
CA ILE A 22 -0.04 -5.21 1.48
C ILE A 22 -1.53 -4.99 1.78
N SER A 23 -2.36 -5.74 1.07
CA SER A 23 -3.80 -5.64 1.26
C SER A 23 -4.15 -5.83 2.74
N ARG A 24 -3.26 -6.51 3.45
CA ARG A 24 -3.47 -6.77 4.86
C ARG A 24 -2.28 -6.24 5.67
N SER A 25 -1.09 -6.46 5.13
CA SER A 25 0.13 -6.01 5.79
C SER A 25 0.00 -4.54 6.18
N LEU A 26 0.46 -3.68 5.28
CA LEU A 26 0.40 -2.25 5.51
C LEU A 26 -1.07 -1.81 5.59
N GLY A 27 -1.94 -2.70 5.15
CA GLY A 27 -3.36 -2.41 5.16
C GLY A 27 -3.95 -2.60 6.57
N ASN A 28 -3.24 -3.36 7.37
CA ASN A 28 -3.66 -3.63 8.73
C ASN A 28 -3.08 -2.56 9.66
N SER A 29 -2.08 -1.85 9.15
CA SER A 29 -1.44 -0.81 9.93
C SER A 29 -2.03 0.56 9.56
N ILE A 30 -2.95 0.52 8.61
CA ILE A 30 -3.60 1.74 8.16
C ILE A 30 -4.42 2.34 9.31
N PRO A 31 -5.26 1.47 9.92
CA PRO A 31 -6.10 1.89 11.03
C PRO A 31 -5.28 2.05 12.31
N LYS A 32 -4.06 1.51 12.26
CA LYS A 32 -3.17 1.58 13.41
C LYS A 32 -2.38 2.88 13.35
N SER A 33 -2.81 3.76 12.46
CA SER A 33 -2.15 5.05 12.29
C SER A 33 -0.81 4.86 11.58
N ALA A 34 -0.73 3.80 10.80
CA ALA A 34 0.48 3.50 10.06
C ALA A 34 1.60 3.14 11.04
N SER A 35 1.19 2.62 12.18
CA SER A 35 2.14 2.24 13.22
C SER A 35 3.37 1.60 12.57
N ARG A 36 3.12 0.81 11.54
CA ARG A 36 4.19 0.13 10.83
C ARG A 36 4.26 0.61 9.38
N ALA A 37 4.72 1.84 9.22
CA ALA A 37 4.84 2.43 7.90
C ALA A 37 6.11 3.28 7.85
N SER A 38 7.22 2.61 7.57
CA SER A 38 8.50 3.30 7.48
C SER A 38 9.44 2.53 6.56
N SER A 39 9.81 3.18 5.47
CA SER A 39 10.70 2.57 4.49
C SER A 39 9.90 1.65 3.56
N ARG A 40 9.20 0.70 4.16
CA ARG A 40 8.40 -0.25 3.42
C ARG A 40 6.95 0.24 3.31
N ALA A 41 6.80 1.55 3.45
CA ALA A 41 5.48 2.15 3.37
C ALA A 41 5.54 3.37 2.44
N SER A 42 6.68 3.53 1.81
CA SER A 42 6.89 4.65 0.89
C SER A 42 6.25 4.33 -0.46
N PRO A 43 6.63 3.15 -1.01
CA PRO A 43 6.11 2.71 -2.30
C PRO A 43 4.66 2.24 -2.17
N LYS A 44 4.35 1.65 -1.02
CA LYS A 44 3.02 1.15 -0.76
C LYS A 44 2.15 2.28 -0.23
N GLY A 45 2.78 3.16 0.55
CA GLY A 45 2.09 4.29 1.14
C GLY A 45 1.10 4.89 0.14
N PHE A 46 1.64 5.39 -0.97
CA PHE A 46 0.83 5.99 -2.00
C PHE A 46 -0.40 5.12 -2.32
N LEU A 47 -0.21 3.82 -2.19
CA LEU A 47 -1.29 2.88 -2.45
C LEU A 47 -2.14 2.72 -1.19
N LEU A 48 -1.49 2.87 -0.04
CA LEU A 48 -2.17 2.75 1.23
C LEU A 48 -3.02 4.00 1.47
N ASN A 49 -2.52 5.12 0.99
CA ASN A 49 -3.21 6.39 1.14
C ASN A 49 -4.52 6.35 0.33
N ARG A 50 -4.45 5.66 -0.80
CA ARG A 50 -5.61 5.54 -1.66
C ARG A 50 -6.67 4.66 -1.01
N ALA A 51 -6.20 3.65 -0.30
CA ALA A 51 -7.10 2.73 0.38
C ALA A 51 -7.87 3.49 1.46
N VAL A 52 -7.24 4.53 1.98
CA VAL A 52 -7.85 5.34 3.02
C VAL A 52 -8.73 6.40 2.36
N GLN A 53 -8.39 6.74 1.12
CA GLN A 53 -9.13 7.74 0.38
C GLN A 53 -10.55 7.23 0.09
N TYR A 54 -10.60 6.02 -0.45
CA TYR A 54 -11.88 5.42 -0.79
C TYR A 54 -12.87 5.53 0.37
N ALA A 2 0.24 12.43 -7.68
CA ALA A 2 -0.73 12.00 -8.67
C ALA A 2 -0.06 10.99 -9.61
N SER A 3 -0.27 9.72 -9.31
CA SER A 3 0.30 8.65 -10.11
C SER A 3 -0.72 7.52 -10.27
N ARG A 4 -1.08 7.26 -11.52
CA ARG A 4 -2.04 6.20 -11.81
C ARG A 4 -1.31 4.94 -12.27
N ARG A 5 -0.46 5.11 -13.28
CA ARG A 5 0.30 4.00 -13.82
C ARG A 5 1.05 3.28 -12.70
N LEU A 6 1.48 4.06 -11.72
CA LEU A 6 2.21 3.51 -10.59
C LEU A 6 1.22 2.92 -9.59
N LEU A 7 0.02 3.48 -9.58
CA LEU A 7 -1.02 3.02 -8.68
C LEU A 7 -1.53 1.66 -9.15
N ALA A 8 -1.40 1.43 -10.45
CA ALA A 8 -1.84 0.18 -11.05
C ALA A 8 -0.86 -0.94 -10.64
N SER A 9 0.38 -0.77 -11.06
CA SER A 9 1.42 -1.73 -10.77
C SER A 9 1.44 -2.03 -9.26
N LEU A 10 0.96 -1.06 -8.50
CA LEU A 10 0.92 -1.19 -7.06
C LEU A 10 -0.27 -2.08 -6.65
N LEU A 11 -1.29 -2.04 -7.49
CA LEU A 11 -2.48 -2.83 -7.24
C LEU A 11 -2.27 -4.25 -7.78
N ARG A 12 -1.87 -4.31 -9.04
CA ARG A 12 -1.63 -5.60 -9.68
C ARG A 12 -0.70 -6.46 -8.82
N GLN A 13 0.21 -5.78 -8.13
CA GLN A 13 1.16 -6.47 -7.28
C GLN A 13 0.47 -6.95 -6.00
N SER A 14 -0.40 -6.09 -5.48
CA SER A 14 -1.13 -6.41 -4.27
C SER A 14 -2.26 -7.40 -4.58
N ALA A 15 -2.60 -7.48 -5.85
CA ALA A 15 -3.64 -8.38 -6.29
C ALA A 15 -3.05 -9.78 -6.51
N GLN A 16 -1.93 -9.80 -7.20
CA GLN A 16 -1.25 -11.06 -7.49
C GLN A 16 -0.68 -11.66 -6.20
N ARG A 17 -0.56 -10.81 -5.20
CA ARG A 17 -0.04 -11.24 -3.91
C ARG A 17 -1.00 -12.22 -3.24
N GLY A 18 -2.27 -12.09 -3.61
CA GLY A 18 -3.29 -12.95 -3.05
C GLY A 18 -3.04 -13.23 -1.57
N GLY A 19 -2.93 -12.15 -0.81
CA GLY A 19 -2.68 -12.26 0.62
C GLY A 19 -1.28 -11.76 0.97
N GLY A 20 -0.93 -10.61 0.41
CA GLY A 20 0.36 -10.02 0.66
C GLY A 20 0.49 -9.56 2.11
N LEU A 21 1.71 -9.66 2.62
CA LEU A 21 1.97 -9.27 4.00
C LEU A 21 1.59 -7.80 4.19
N ILE A 22 2.18 -6.95 3.36
CA ILE A 22 1.90 -5.53 3.43
C ILE A 22 0.47 -5.26 2.96
N SER A 23 -0.15 -6.31 2.44
CA SER A 23 -1.51 -6.21 1.94
C SER A 23 -2.49 -6.19 3.13
N ARG A 24 -2.09 -6.85 4.20
CA ARG A 24 -2.91 -6.91 5.39
C ARG A 24 -2.19 -6.26 6.57
N SER A 25 -0.88 -6.43 6.59
CA SER A 25 -0.06 -5.86 7.65
C SER A 25 0.04 -4.34 7.48
N LEU A 26 0.29 -3.93 6.26
CA LEU A 26 0.41 -2.52 5.95
C LEU A 26 -0.98 -1.89 5.91
N GLY A 27 -1.99 -2.75 5.93
CA GLY A 27 -3.38 -2.30 5.89
C GLY A 27 -4.00 -2.35 7.29
N ASN A 28 -3.55 -3.32 8.06
CA ASN A 28 -4.06 -3.49 9.41
C ASN A 28 -4.13 -2.13 10.11
N SER A 29 -3.27 -1.23 9.65
CA SER A 29 -3.22 0.11 10.22
C SER A 29 -2.55 1.06 9.23
N ILE A 30 -3.16 1.20 8.06
CA ILE A 30 -2.61 2.07 7.02
C ILE A 30 -2.10 3.36 7.67
N PRO A 31 -3.00 4.00 8.47
CA PRO A 31 -2.64 5.24 9.14
C PRO A 31 -1.74 4.97 10.34
N LYS A 32 -0.64 4.27 10.07
CA LYS A 32 0.31 3.93 11.12
C LYS A 32 1.45 3.11 10.52
N SER A 33 1.07 2.01 9.88
CA SER A 33 2.05 1.13 9.26
C SER A 33 2.91 1.93 8.27
N ALA A 34 2.23 2.64 7.39
CA ALA A 34 2.91 3.45 6.38
C ALA A 34 3.62 4.62 7.08
N SER A 35 3.32 4.77 8.36
CA SER A 35 3.91 5.84 9.13
C SER A 35 5.09 5.31 9.95
N ARG A 36 5.24 4.00 9.92
CA ARG A 36 6.33 3.36 10.65
C ARG A 36 6.68 2.01 10.01
N ALA A 37 7.02 2.08 8.73
CA ALA A 37 7.38 0.89 7.98
C ALA A 37 8.90 0.86 7.77
N SER A 38 9.35 1.70 6.86
CA SER A 38 10.77 1.79 6.56
C SER A 38 11.31 0.40 6.20
N SER A 39 11.08 0.01 4.95
CA SER A 39 11.52 -1.28 4.48
C SER A 39 11.07 -1.50 3.04
N ARG A 40 9.76 -1.42 2.85
CA ARG A 40 9.18 -1.60 1.53
C ARG A 40 7.71 -1.16 1.53
N ALA A 41 7.42 -0.19 2.37
CA ALA A 41 6.07 0.32 2.48
C ALA A 41 6.03 1.77 1.97
N SER A 42 7.17 2.21 1.46
CA SER A 42 7.28 3.57 0.94
C SER A 42 6.64 3.66 -0.44
N PRO A 43 7.06 2.71 -1.33
CA PRO A 43 6.53 2.67 -2.68
C PRO A 43 5.11 2.11 -2.70
N LYS A 44 4.87 1.18 -1.78
CA LYS A 44 3.55 0.56 -1.68
C LYS A 44 2.65 1.42 -0.81
N GLY A 45 3.27 2.11 0.13
CA GLY A 45 2.53 2.97 1.04
C GLY A 45 1.54 3.85 0.27
N PHE A 46 2.06 4.57 -0.71
CA PHE A 46 1.25 5.44 -1.53
C PHE A 46 -0.07 4.76 -1.91
N LEU A 47 0.01 3.46 -2.14
CA LEU A 47 -1.16 2.68 -2.51
C LEU A 47 -2.02 2.44 -1.27
N LEU A 48 -1.33 2.19 -0.16
CA LEU A 48 -2.02 1.94 1.10
C LEU A 48 -2.90 3.14 1.44
N ASN A 49 -2.36 4.32 1.20
CA ASN A 49 -3.07 5.56 1.49
C ASN A 49 -4.31 5.63 0.58
N ARG A 50 -4.12 5.22 -0.67
CA ARG A 50 -5.20 5.24 -1.63
C ARG A 50 -6.27 4.21 -1.25
N ALA A 51 -5.87 3.26 -0.42
CA ALA A 51 -6.78 2.22 0.03
C ALA A 51 -7.82 2.83 0.97
N VAL A 52 -7.37 3.80 1.75
CA VAL A 52 -8.25 4.46 2.70
C VAL A 52 -8.98 5.60 2.00
N GLN A 53 -8.33 6.14 0.97
CA GLN A 53 -8.91 7.23 0.20
C GLN A 53 -10.21 6.78 -0.45
N TYR A 54 -10.14 5.62 -1.09
CA TYR A 54 -11.31 5.08 -1.76
C TYR A 54 -12.28 4.44 -0.76
N ALA A 2 3.70 7.42 -6.07
CA ALA A 2 4.66 7.58 -7.14
C ALA A 2 3.95 8.10 -8.39
N SER A 3 3.08 7.27 -8.95
CA SER A 3 2.33 7.64 -10.14
C SER A 3 1.10 6.75 -10.27
N ARG A 4 0.11 7.26 -11.00
CA ARG A 4 -1.12 6.53 -11.22
C ARG A 4 -0.81 5.08 -11.62
N ARG A 5 -0.20 4.94 -12.78
CA ARG A 5 0.15 3.62 -13.29
C ARG A 5 0.92 2.83 -12.22
N LEU A 6 1.76 3.55 -11.48
CA LEU A 6 2.55 2.94 -10.44
C LEU A 6 1.62 2.19 -9.48
N LEU A 7 0.87 2.96 -8.72
CA LEU A 7 -0.07 2.39 -7.76
C LEU A 7 -0.77 1.19 -8.39
N ALA A 8 -0.90 1.24 -9.70
CA ALA A 8 -1.55 0.16 -10.43
C ALA A 8 -0.68 -1.10 -10.33
N SER A 9 0.53 -1.00 -10.88
CA SER A 9 1.45 -2.13 -10.85
C SER A 9 1.59 -2.65 -9.42
N LEU A 10 1.49 -1.74 -8.48
CA LEU A 10 1.61 -2.10 -7.07
C LEU A 10 0.43 -2.98 -6.67
N LEU A 11 -0.72 -2.67 -7.27
CA LEU A 11 -1.93 -3.43 -6.99
C LEU A 11 -1.98 -4.67 -7.89
N ARG A 12 -1.77 -4.43 -9.17
CA ARG A 12 -1.79 -5.52 -10.14
C ARG A 12 -0.72 -6.56 -9.79
N GLN A 13 0.30 -6.09 -9.08
CA GLN A 13 1.38 -6.98 -8.68
C GLN A 13 1.03 -7.70 -7.39
N SER A 14 0.30 -7.00 -6.53
CA SER A 14 -0.12 -7.56 -5.26
C SER A 14 -1.31 -8.51 -5.47
N ALA A 15 -2.22 -8.09 -6.32
CA ALA A 15 -3.40 -8.88 -6.61
C ALA A 15 -2.97 -10.27 -7.05
N GLN A 16 -1.87 -10.32 -7.78
CA GLN A 16 -1.33 -11.57 -8.27
C GLN A 16 -0.53 -12.28 -7.18
N ARG A 17 0.05 -11.47 -6.30
CA ARG A 17 0.85 -12.00 -5.21
C ARG A 17 0.89 -10.99 -4.06
N GLY A 18 1.93 -10.16 -4.08
CA GLY A 18 2.10 -9.16 -3.05
C GLY A 18 2.40 -9.80 -1.69
N GLY A 19 2.61 -11.11 -1.73
CA GLY A 19 2.89 -11.86 -0.52
C GLY A 19 2.07 -11.33 0.65
N GLY A 20 0.89 -10.83 0.33
CA GLY A 20 0.00 -10.29 1.35
C GLY A 20 0.78 -9.50 2.41
N LEU A 21 1.55 -8.54 1.94
CA LEU A 21 2.35 -7.72 2.83
C LEU A 21 1.45 -6.69 3.51
N ILE A 22 0.89 -5.80 2.69
CA ILE A 22 0.02 -4.76 3.19
C ILE A 22 -1.26 -5.40 3.75
N SER A 23 -1.45 -6.66 3.40
CA SER A 23 -2.62 -7.40 3.84
C SER A 23 -2.68 -7.42 5.38
N ARG A 24 -1.54 -7.11 5.98
CA ARG A 24 -1.44 -7.09 7.43
C ARG A 24 -0.56 -5.92 7.88
N SER A 25 0.57 -5.78 7.21
CA SER A 25 1.50 -4.71 7.54
C SER A 25 0.77 -3.37 7.56
N LEU A 26 0.82 -2.68 6.43
CA LEU A 26 0.17 -1.39 6.32
C LEU A 26 -1.30 -1.59 5.95
N GLY A 27 -1.96 -2.43 6.73
CA GLY A 27 -3.37 -2.72 6.50
C GLY A 27 -4.08 -3.06 7.82
N ASN A 28 -3.42 -3.89 8.61
CA ASN A 28 -3.98 -4.29 9.89
C ASN A 28 -4.62 -3.08 10.58
N SER A 29 -4.08 -1.92 10.27
CA SER A 29 -4.58 -0.68 10.84
C SER A 29 -4.13 0.52 9.99
N ILE A 30 -4.68 0.59 8.79
CA ILE A 30 -4.35 1.66 7.88
C ILE A 30 -4.38 2.99 8.64
N PRO A 31 -5.50 3.20 9.37
CA PRO A 31 -5.67 4.43 10.14
C PRO A 31 -4.81 4.40 11.41
N LYS A 32 -3.51 4.20 11.20
CA LYS A 32 -2.58 4.15 12.31
C LYS A 32 -1.23 3.63 11.80
N SER A 33 -1.25 2.41 11.30
CA SER A 33 -0.04 1.80 10.78
C SER A 33 0.68 2.76 9.83
N ALA A 34 -0.13 3.52 9.09
CA ALA A 34 0.41 4.48 8.14
C ALA A 34 1.38 5.42 8.86
N SER A 35 1.20 5.49 10.18
CA SER A 35 2.05 6.35 10.99
C SER A 35 2.87 5.50 11.97
N ARG A 36 3.06 4.24 11.59
CA ARG A 36 3.82 3.32 12.41
C ARG A 36 4.36 2.16 11.57
N ALA A 37 4.99 2.53 10.46
CA ALA A 37 5.55 1.54 9.56
C ALA A 37 6.82 2.09 8.92
N SER A 38 6.67 2.57 7.69
CA SER A 38 7.80 3.13 6.96
C SER A 38 8.72 2.01 6.48
N SER A 39 9.87 2.41 5.95
CA SER A 39 10.84 1.46 5.44
C SER A 39 10.41 0.95 4.07
N ARG A 40 9.29 0.25 4.05
CA ARG A 40 8.75 -0.29 2.81
C ARG A 40 7.26 0.04 2.68
N ALA A 41 6.89 1.18 3.25
CA ALA A 41 5.51 1.62 3.19
C ALA A 41 5.42 2.94 2.44
N SER A 42 6.58 3.40 1.97
CA SER A 42 6.64 4.64 1.22
C SER A 42 6.07 4.44 -0.18
N PRO A 43 6.58 3.39 -0.86
CA PRO A 43 6.12 3.08 -2.21
C PRO A 43 4.73 2.44 -2.18
N LYS A 44 4.49 1.67 -1.13
CA LYS A 44 3.22 0.99 -0.97
C LYS A 44 2.22 1.95 -0.31
N GLY A 45 2.76 2.89 0.44
CA GLY A 45 1.93 3.88 1.12
C GLY A 45 0.99 4.58 0.14
N PHE A 46 1.58 5.11 -0.91
CA PHE A 46 0.81 5.81 -1.93
C PHE A 46 -0.45 5.04 -2.29
N LEU A 47 -0.31 3.72 -2.30
CA LEU A 47 -1.43 2.86 -2.63
C LEU A 47 -2.35 2.72 -1.41
N LEU A 48 -1.72 2.73 -0.24
CA LEU A 48 -2.46 2.60 1.00
C LEU A 48 -3.24 3.89 1.25
N ASN A 49 -2.59 5.00 0.96
CA ASN A 49 -3.21 6.31 1.14
C ASN A 49 -4.52 6.36 0.37
N ARG A 50 -4.50 5.75 -0.81
CA ARG A 50 -5.67 5.71 -1.67
C ARG A 50 -6.76 4.84 -1.04
N ALA A 51 -6.33 3.75 -0.43
CA ALA A 51 -7.26 2.82 0.20
C ALA A 51 -8.02 3.56 1.31
N VAL A 52 -7.36 4.59 1.85
CA VAL A 52 -7.97 5.37 2.91
C VAL A 52 -8.98 6.34 2.31
N GLN A 53 -8.55 7.02 1.26
CA GLN A 53 -9.42 7.98 0.58
C GLN A 53 -10.84 7.42 0.47
N TYR A 54 -10.93 6.25 -0.12
CA TYR A 54 -12.22 5.60 -0.29
C TYR A 54 -12.62 4.82 0.96
N ALA A 2 -1.74 12.90 -9.30
CA ALA A 2 -0.91 12.64 -10.46
C ALA A 2 -0.11 11.35 -10.22
N SER A 3 -0.78 10.23 -10.45
CA SER A 3 -0.15 8.94 -10.27
C SER A 3 -1.14 7.82 -10.63
N ARG A 4 -0.80 7.09 -11.69
CA ARG A 4 -1.66 6.00 -12.13
C ARG A 4 -0.79 4.80 -12.55
N ARG A 5 0.22 5.09 -13.34
CA ARG A 5 1.12 4.05 -13.82
C ARG A 5 1.71 3.29 -12.65
N LEU A 6 2.00 4.02 -11.58
CA LEU A 6 2.56 3.42 -10.39
C LEU A 6 1.45 2.74 -9.58
N LEU A 7 0.24 3.24 -9.78
CA LEU A 7 -0.91 2.71 -9.08
C LEU A 7 -1.25 1.33 -9.65
N ALA A 8 -0.89 1.14 -10.91
CA ALA A 8 -1.16 -0.12 -11.58
C ALA A 8 -0.23 -1.19 -11.01
N SER A 9 1.07 -0.99 -11.21
CA SER A 9 2.06 -1.93 -10.72
C SER A 9 1.82 -2.22 -9.24
N LEU A 10 1.35 -1.21 -8.52
CA LEU A 10 1.07 -1.35 -7.11
C LEU A 10 -0.16 -2.23 -6.92
N LEU A 11 -1.08 -2.12 -7.88
CA LEU A 11 -2.31 -2.88 -7.83
C LEU A 11 -2.01 -4.34 -8.19
N ARG A 12 -1.37 -4.50 -9.33
CA ARG A 12 -1.01 -5.83 -9.81
C ARG A 12 -0.41 -6.66 -8.68
N GLN A 13 0.59 -6.07 -8.02
CA GLN A 13 1.24 -6.74 -6.92
C GLN A 13 0.24 -7.10 -5.83
N SER A 14 -0.75 -6.23 -5.66
CA SER A 14 -1.78 -6.44 -4.66
C SER A 14 -2.75 -7.51 -5.14
N ALA A 15 -2.82 -7.67 -6.45
CA ALA A 15 -3.70 -8.65 -7.05
C ALA A 15 -3.05 -10.03 -6.97
N GLN A 16 -1.81 -10.09 -7.44
CA GLN A 16 -1.07 -11.35 -7.43
C GLN A 16 -0.66 -11.72 -6.00
N ARG A 17 -0.47 -10.68 -5.20
CA ARG A 17 -0.07 -10.87 -3.82
C ARG A 17 0.93 -12.03 -3.70
N GLY A 18 2.19 -11.69 -3.91
CA GLY A 18 3.26 -12.68 -3.84
C GLY A 18 3.66 -12.94 -2.39
N GLY A 19 2.67 -13.19 -1.56
CA GLY A 19 2.91 -13.46 -0.15
C GLY A 19 2.17 -12.45 0.73
N GLY A 20 0.94 -12.15 0.33
CA GLY A 20 0.11 -11.21 1.07
C GLY A 20 0.95 -10.05 1.59
N LEU A 21 1.20 -9.09 0.72
CA LEU A 21 1.98 -7.92 1.08
C LEU A 21 1.06 -6.86 1.69
N ILE A 22 0.17 -6.35 0.86
CA ILE A 22 -0.77 -5.33 1.29
C ILE A 22 -1.87 -5.99 2.13
N SER A 23 -1.82 -7.31 2.19
CA SER A 23 -2.79 -8.07 2.96
C SER A 23 -3.12 -7.33 4.26
N ARG A 24 -2.30 -7.58 5.26
CA ARG A 24 -2.49 -6.96 6.57
C ARG A 24 -1.13 -6.62 7.19
N SER A 25 -0.13 -6.46 6.32
CA SER A 25 1.21 -6.13 6.78
C SER A 25 1.34 -4.62 6.96
N LEU A 26 1.57 -3.93 5.86
CA LEU A 26 1.72 -2.49 5.89
C LEU A 26 0.34 -1.85 6.08
N GLY A 27 -0.69 -2.66 5.92
CA GLY A 27 -2.05 -2.19 6.08
C GLY A 27 -2.36 -1.87 7.55
N ASN A 28 -1.39 -2.18 8.40
CA ASN A 28 -1.55 -1.94 9.82
C ASN A 28 -1.10 -0.51 10.15
N SER A 29 -0.49 0.12 9.16
CA SER A 29 -0.01 1.48 9.33
C SER A 29 -1.10 2.48 8.91
N ILE A 30 -1.68 2.22 7.75
CA ILE A 30 -2.74 3.08 7.23
C ILE A 30 -3.67 3.49 8.38
N PRO A 31 -4.14 2.46 9.13
CA PRO A 31 -5.03 2.69 10.26
C PRO A 31 -4.26 3.27 11.45
N LYS A 32 -2.97 2.95 11.49
CA LYS A 32 -2.12 3.42 12.58
C LYS A 32 -1.46 4.74 12.16
N SER A 33 -2.12 5.43 11.24
CA SER A 33 -1.60 6.69 10.75
C SER A 33 -0.27 6.48 10.05
N ALA A 34 -0.28 5.57 9.09
CA ALA A 34 0.93 5.27 8.33
C ALA A 34 2.10 5.08 9.30
N SER A 35 1.77 4.64 10.50
CA SER A 35 2.78 4.42 11.52
C SER A 35 4.06 3.85 10.89
N ARG A 36 3.86 2.76 10.15
CA ARG A 36 4.99 2.12 9.49
C ARG A 36 5.02 2.49 8.00
N ALA A 37 5.76 3.55 7.71
CA ALA A 37 5.88 4.04 6.35
C ALA A 37 7.32 4.52 6.11
N SER A 38 8.18 3.57 5.78
CA SER A 38 9.58 3.88 5.53
C SER A 38 10.28 2.67 4.92
N SER A 39 9.97 1.50 5.46
CA SER A 39 10.56 0.27 4.98
C SER A 39 9.79 -0.23 3.75
N ARG A 40 10.11 0.37 2.61
CA ARG A 40 9.47 0.00 1.36
C ARG A 40 7.95 0.20 1.46
N ALA A 41 7.57 1.28 2.13
CA ALA A 41 6.16 1.59 2.31
C ALA A 41 5.86 2.93 1.66
N SER A 42 6.89 3.51 1.06
CA SER A 42 6.75 4.80 0.40
C SER A 42 6.00 4.62 -0.93
N PRO A 43 6.52 3.67 -1.76
CA PRO A 43 5.91 3.39 -3.05
C PRO A 43 4.62 2.60 -2.88
N LYS A 44 4.58 1.79 -1.84
CA LYS A 44 3.41 0.97 -1.57
C LYS A 44 2.40 1.79 -0.76
N GLY A 45 2.93 2.68 0.07
CA GLY A 45 2.08 3.54 0.89
C GLY A 45 1.09 4.32 0.03
N PHE A 46 1.58 4.80 -1.10
CA PHE A 46 0.75 5.56 -2.02
C PHE A 46 -0.51 4.78 -2.39
N LEU A 47 -0.38 3.47 -2.42
CA LEU A 47 -1.50 2.61 -2.75
C LEU A 47 -2.31 2.34 -1.48
N LEU A 48 -1.62 2.26 -0.37
CA LEU A 48 -2.26 2.01 0.91
C LEU A 48 -3.02 3.26 1.35
N ASN A 49 -2.49 4.41 0.95
CA ASN A 49 -3.11 5.67 1.29
C ASN A 49 -4.44 5.81 0.54
N ARG A 50 -4.45 5.27 -0.66
CA ARG A 50 -5.65 5.32 -1.49
C ARG A 50 -6.73 4.38 -0.94
N ALA A 51 -6.26 3.30 -0.32
CA ALA A 51 -7.16 2.33 0.25
C ALA A 51 -7.98 2.99 1.36
N VAL A 52 -7.35 3.94 2.04
CA VAL A 52 -8.01 4.65 3.12
C VAL A 52 -8.81 5.81 2.54
N GLN A 53 -8.33 6.32 1.41
CA GLN A 53 -8.99 7.44 0.75
C GLN A 53 -10.43 7.07 0.39
N TYR A 54 -10.57 5.93 -0.28
CA TYR A 54 -11.88 5.45 -0.68
C TYR A 54 -12.55 4.67 0.45
N ALA A 2 -0.27 11.34 -9.12
CA ALA A 2 0.22 11.73 -10.43
C ALA A 2 1.00 10.58 -11.06
N SER A 3 0.47 9.37 -10.85
CA SER A 3 1.10 8.18 -11.39
C SER A 3 0.06 7.09 -11.61
N ARG A 4 -0.27 6.89 -12.88
CA ARG A 4 -1.25 5.88 -13.24
C ARG A 4 -0.56 4.56 -13.60
N ARG A 5 0.73 4.67 -13.91
CA ARG A 5 1.51 3.50 -14.26
C ARG A 5 2.04 2.80 -13.01
N LEU A 6 2.35 3.62 -12.01
CA LEU A 6 2.86 3.10 -10.75
C LEU A 6 1.69 2.62 -9.89
N LEU A 7 0.53 3.20 -10.15
CA LEU A 7 -0.67 2.84 -9.41
C LEU A 7 -1.16 1.47 -9.86
N ALA A 8 -0.78 1.11 -11.08
CA ALA A 8 -1.17 -0.18 -11.62
C ALA A 8 -0.33 -1.28 -10.98
N SER A 9 0.98 -1.15 -11.13
CA SER A 9 1.90 -2.13 -10.57
C SER A 9 1.62 -2.31 -9.08
N LEU A 10 1.15 -1.24 -8.47
CA LEU A 10 0.83 -1.27 -7.05
C LEU A 10 -0.37 -2.19 -6.82
N LEU A 11 -1.29 -2.17 -7.77
CA LEU A 11 -2.48 -2.99 -7.68
C LEU A 11 -2.17 -4.38 -8.24
N ARG A 12 -1.61 -4.40 -9.44
CA ARG A 12 -1.26 -5.65 -10.08
C ARG A 12 -0.32 -6.46 -9.20
N GLN A 13 0.28 -5.78 -8.23
CA GLN A 13 1.20 -6.43 -7.31
C GLN A 13 0.43 -7.07 -6.16
N SER A 14 -0.55 -6.33 -5.65
CA SER A 14 -1.36 -6.82 -4.54
C SER A 14 -2.37 -7.84 -5.05
N ALA A 15 -2.77 -7.66 -6.31
CA ALA A 15 -3.73 -8.56 -6.92
C ALA A 15 -3.11 -9.95 -7.05
N GLN A 16 -1.84 -9.96 -7.42
CA GLN A 16 -1.13 -11.23 -7.59
C GLN A 16 -0.79 -11.82 -6.22
N ARG A 17 -1.03 -11.03 -5.19
CA ARG A 17 -0.75 -11.47 -3.83
C ARG A 17 -1.89 -11.03 -2.90
N GLY A 18 -3.03 -11.67 -3.06
CA GLY A 18 -4.19 -11.36 -2.24
C GLY A 18 -3.78 -11.12 -0.78
N GLY A 19 -2.99 -12.05 -0.27
CA GLY A 19 -2.52 -11.95 1.11
C GLY A 19 -2.15 -10.51 1.47
N GLY A 20 -0.92 -10.14 1.12
CA GLY A 20 -0.44 -8.80 1.41
C GLY A 20 -0.02 -8.66 2.87
N LEU A 21 1.26 -8.35 3.06
CA LEU A 21 1.80 -8.19 4.40
C LEU A 21 1.59 -6.74 4.85
N ILE A 22 1.67 -5.83 3.89
CA ILE A 22 1.49 -4.42 4.18
C ILE A 22 0.00 -4.11 4.29
N SER A 23 -0.81 -5.05 3.83
CA SER A 23 -2.25 -4.89 3.87
C SER A 23 -2.77 -5.16 5.28
N ARG A 24 -1.92 -5.82 6.07
CA ARG A 24 -2.28 -6.14 7.44
C ARG A 24 -1.33 -5.45 8.41
N SER A 25 -0.07 -5.39 8.02
CA SER A 25 0.95 -4.76 8.85
C SER A 25 0.66 -3.27 8.99
N LEU A 26 0.41 -2.63 7.85
CA LEU A 26 0.12 -1.21 7.83
C LEU A 26 -1.37 -1.00 8.08
N GLY A 27 -2.14 -2.05 7.82
CA GLY A 27 -3.58 -1.99 8.01
C GLY A 27 -3.93 -1.80 9.49
N ASN A 28 -2.99 -2.20 10.34
CA ASN A 28 -3.18 -2.07 11.78
C ASN A 28 -3.48 -0.61 12.12
N SER A 29 -3.13 0.27 11.20
CA SER A 29 -3.34 1.69 11.40
C SER A 29 -2.73 2.48 10.23
N ILE A 30 -3.33 2.31 9.06
CA ILE A 30 -2.86 3.00 7.88
C ILE A 30 -2.69 4.49 8.18
N PRO A 31 -3.79 5.09 8.72
CA PRO A 31 -3.78 6.50 9.06
C PRO A 31 -2.96 6.75 10.34
N LYS A 32 -1.68 6.45 10.24
CA LYS A 32 -0.79 6.64 11.38
C LYS A 32 0.52 5.87 11.14
N SER A 33 0.36 4.56 10.92
CA SER A 33 1.51 3.71 10.67
C SER A 33 2.21 4.14 9.39
N ALA A 34 1.40 4.41 8.36
CA ALA A 34 1.93 4.83 7.08
C ALA A 34 2.67 6.15 7.25
N SER A 35 2.43 6.79 8.38
CA SER A 35 3.07 8.07 8.66
C SER A 35 4.21 7.87 9.66
N ARG A 36 4.86 6.71 9.54
CA ARG A 36 5.98 6.39 10.42
C ARG A 36 6.91 5.39 9.74
N ALA A 37 6.31 4.38 9.12
CA ALA A 37 7.08 3.36 8.43
C ALA A 37 8.12 4.02 7.54
N SER A 38 7.73 4.25 6.30
CA SER A 38 8.63 4.89 5.35
C SER A 38 9.60 3.84 4.78
N SER A 39 10.04 4.10 3.55
CA SER A 39 10.97 3.21 2.89
C SER A 39 10.20 2.05 2.24
N ARG A 40 9.68 1.17 3.08
CA ARG A 40 8.92 0.03 2.61
C ARG A 40 7.47 0.42 2.38
N ALA A 41 6.99 1.33 3.20
CA ALA A 41 5.61 1.80 3.08
C ALA A 41 5.57 3.05 2.20
N SER A 42 6.71 3.34 1.59
CA SER A 42 6.81 4.50 0.72
C SER A 42 6.15 4.19 -0.63
N PRO A 43 6.58 3.06 -1.24
CA PRO A 43 6.05 2.65 -2.53
C PRO A 43 4.63 2.09 -2.37
N LYS A 44 4.41 1.42 -1.26
CA LYS A 44 3.11 0.84 -0.98
C LYS A 44 2.21 1.88 -0.35
N GLY A 45 2.83 2.84 0.32
CA GLY A 45 2.09 3.91 0.97
C GLY A 45 1.05 4.52 0.03
N PHE A 46 1.55 5.03 -1.10
CA PHE A 46 0.69 5.64 -2.08
C PHE A 46 -0.56 4.79 -2.33
N LEU A 47 -0.37 3.49 -2.22
CA LEU A 47 -1.47 2.56 -2.43
C LEU A 47 -2.24 2.39 -1.12
N LEU A 48 -1.50 2.46 -0.02
CA LEU A 48 -2.10 2.32 1.30
C LEU A 48 -2.92 3.57 1.62
N ASN A 49 -2.54 4.66 0.96
CA ASN A 49 -3.22 5.93 1.17
C ASN A 49 -4.56 5.91 0.45
N ARG A 50 -4.55 5.32 -0.75
CA ARG A 50 -5.75 5.23 -1.55
C ARG A 50 -6.75 4.27 -0.90
N ALA A 51 -6.21 3.37 -0.08
CA ALA A 51 -7.05 2.39 0.60
C ALA A 51 -7.89 3.10 1.66
N VAL A 52 -7.29 4.13 2.25
CA VAL A 52 -7.98 4.90 3.28
C VAL A 52 -8.86 5.96 2.61
N GLN A 53 -8.46 6.35 1.41
CA GLN A 53 -9.21 7.35 0.66
C GLN A 53 -10.62 6.85 0.37
N TYR A 54 -10.68 5.69 -0.25
CA TYR A 54 -11.96 5.09 -0.60
C TYR A 54 -12.53 4.30 0.58
N ALA A 2 5.53 6.50 -12.88
CA ALA A 2 4.44 7.19 -13.55
C ALA A 2 3.36 7.57 -12.53
N SER A 3 2.34 8.25 -13.02
CA SER A 3 1.24 8.67 -12.16
C SER A 3 0.00 7.81 -12.44
N ARG A 4 -0.62 7.39 -11.36
CA ARG A 4 -1.82 6.57 -11.47
C ARG A 4 -1.45 5.14 -11.85
N ARG A 5 -0.84 5.01 -13.03
CA ARG A 5 -0.43 3.72 -13.52
C ARG A 5 0.40 2.98 -12.46
N LEU A 6 1.19 3.75 -11.73
CA LEU A 6 2.02 3.19 -10.69
C LEU A 6 1.15 2.44 -9.68
N LEU A 7 0.46 3.21 -8.85
CA LEU A 7 -0.41 2.64 -7.85
C LEU A 7 -1.27 1.54 -8.48
N ALA A 8 -1.48 1.68 -9.78
CA ALA A 8 -2.28 0.72 -10.53
C ALA A 8 -1.51 -0.59 -10.64
N SER A 9 -0.37 -0.52 -11.32
CA SER A 9 0.47 -1.68 -11.51
C SER A 9 0.95 -2.20 -10.15
N LEU A 10 1.10 -1.28 -9.22
CA LEU A 10 1.55 -1.64 -7.88
C LEU A 10 0.46 -2.44 -7.17
N LEU A 11 -0.77 -2.21 -7.60
CA LEU A 11 -1.91 -2.91 -7.02
C LEU A 11 -2.06 -4.29 -7.68
N ARG A 12 -1.85 -4.30 -9.00
CA ARG A 12 -1.96 -5.53 -9.75
C ARG A 12 -0.92 -6.55 -9.26
N GLN A 13 0.31 -6.09 -9.16
CA GLN A 13 1.39 -6.94 -8.71
C GLN A 13 1.11 -7.46 -7.30
N SER A 14 0.34 -6.67 -6.55
CA SER A 14 -0.01 -7.04 -5.19
C SER A 14 -1.23 -7.96 -5.21
N ALA A 15 -2.29 -7.47 -5.84
CA ALA A 15 -3.53 -8.25 -5.92
C ALA A 15 -3.19 -9.70 -6.29
N GLN A 16 -2.15 -9.85 -7.09
CA GLN A 16 -1.72 -11.16 -7.51
C GLN A 16 -0.77 -11.78 -6.47
N ARG A 17 -0.01 -10.91 -5.83
CA ARG A 17 0.93 -11.35 -4.82
C ARG A 17 1.39 -10.16 -3.98
N GLY A 18 2.56 -9.63 -4.32
CA GLY A 18 3.12 -8.50 -3.61
C GLY A 18 3.07 -8.74 -2.09
N GLY A 19 3.01 -10.00 -1.72
CA GLY A 19 2.96 -10.37 -0.32
C GLY A 19 2.11 -9.39 0.48
N GLY A 20 0.80 -9.63 0.47
CA GLY A 20 -0.12 -8.76 1.19
C GLY A 20 0.10 -8.86 2.70
N LEU A 21 1.24 -8.32 3.12
CA LEU A 21 1.59 -8.33 4.54
C LEU A 21 1.47 -6.91 5.10
N ILE A 22 1.45 -5.95 4.20
CA ILE A 22 1.34 -4.56 4.58
C ILE A 22 -0.11 -4.09 4.39
N SER A 23 -0.83 -4.83 3.57
CA SER A 23 -2.22 -4.50 3.29
C SER A 23 -3.01 -4.49 4.60
N ARG A 24 -2.47 -5.15 5.61
CA ARG A 24 -3.12 -5.22 6.91
C ARG A 24 -2.31 -4.43 7.93
N SER A 25 -1.00 -4.62 7.89
CA SER A 25 -0.11 -3.94 8.82
C SER A 25 -0.42 -2.44 8.83
N LEU A 26 0.08 -1.76 7.79
CA LEU A 26 -0.13 -0.33 7.67
C LEU A 26 -1.63 -0.04 7.64
N GLY A 27 -2.39 -1.05 7.23
CA GLY A 27 -3.83 -0.92 7.14
C GLY A 27 -4.43 -0.55 8.50
N ASN A 28 -3.88 -1.16 9.53
CA ASN A 28 -4.34 -0.90 10.90
C ASN A 28 -3.78 0.44 11.37
N SER A 29 -2.81 0.94 10.62
CA SER A 29 -2.18 2.20 10.97
C SER A 29 -2.82 3.34 10.16
N ILE A 30 -3.59 2.94 9.16
CA ILE A 30 -4.25 3.92 8.31
C ILE A 30 -5.11 4.84 9.17
N PRO A 31 -5.97 4.20 10.00
CA PRO A 31 -6.85 4.95 10.89
C PRO A 31 -6.08 5.54 12.06
N LYS A 32 -4.85 5.08 12.22
CA LYS A 32 -3.99 5.55 13.30
C LYS A 32 -3.27 6.82 12.85
N SER A 33 -3.71 7.34 11.71
CA SER A 33 -3.12 8.55 11.17
C SER A 33 -1.69 8.27 10.70
N ALA A 34 -1.50 7.08 10.17
CA ALA A 34 -0.19 6.68 9.68
C ALA A 34 0.78 6.59 10.86
N SER A 35 0.29 5.99 11.94
CA SER A 35 1.09 5.83 13.13
C SER A 35 2.55 5.52 12.75
N ARG A 36 2.82 4.25 12.54
CA ARG A 36 4.15 3.81 12.16
C ARG A 36 4.54 4.38 10.79
N ALA A 37 4.01 3.74 9.75
CA ALA A 37 4.28 4.18 8.40
C ALA A 37 5.75 4.58 8.28
N SER A 38 6.60 3.56 8.19
CA SER A 38 8.03 3.78 8.08
C SER A 38 8.75 2.47 7.76
N SER A 39 9.99 2.60 7.32
CA SER A 39 10.78 1.43 6.95
C SER A 39 10.35 0.90 5.59
N ARG A 40 9.17 0.32 5.56
CA ARG A 40 8.64 -0.23 4.33
C ARG A 40 7.19 0.21 4.13
N ALA A 41 6.96 1.50 4.37
CA ALA A 41 5.63 2.07 4.21
C ALA A 41 5.65 3.13 3.12
N SER A 42 6.83 3.32 2.54
CA SER A 42 7.00 4.30 1.48
C SER A 42 6.35 3.79 0.19
N PRO A 43 6.73 2.55 -0.20
CA PRO A 43 6.20 1.94 -1.40
C PRO A 43 4.76 1.47 -1.18
N LYS A 44 4.49 1.02 0.04
CA LYS A 44 3.16 0.55 0.40
C LYS A 44 2.30 1.73 0.82
N GLY A 45 2.96 2.81 1.21
CA GLY A 45 2.26 4.00 1.63
C GLY A 45 1.31 4.49 0.54
N PHE A 46 1.87 4.75 -0.63
CA PHE A 46 1.08 5.22 -1.76
C PHE A 46 -0.17 4.37 -1.95
N LEU A 47 0.00 3.07 -1.73
CA LEU A 47 -1.10 2.14 -1.87
C LEU A 47 -1.91 2.10 -0.57
N LEU A 48 -1.26 2.50 0.50
CA LEU A 48 -1.90 2.52 1.81
C LEU A 48 -2.74 3.80 1.93
N ASN A 49 -2.35 4.80 1.15
CA ASN A 49 -3.06 6.07 1.18
C ASN A 49 -4.26 6.00 0.22
N ARG A 50 -4.13 5.14 -0.77
CA ARG A 50 -5.20 4.96 -1.74
C ARG A 50 -6.33 4.11 -1.15
N ALA A 51 -5.99 3.38 -0.11
CA ALA A 51 -6.95 2.53 0.56
C ALA A 51 -7.91 3.40 1.38
N VAL A 52 -7.39 4.52 1.85
CA VAL A 52 -8.18 5.44 2.64
C VAL A 52 -8.96 6.38 1.71
N GLN A 53 -8.34 6.65 0.56
CA GLN A 53 -8.95 7.53 -0.42
C GLN A 53 -10.21 6.88 -1.01
N TYR A 54 -10.02 5.68 -1.53
CA TYR A 54 -11.12 4.94 -2.13
C TYR A 54 -11.89 4.16 -1.06
N ALA A 2 6.67 9.44 -12.17
CA ALA A 2 6.61 8.94 -10.81
C ALA A 2 5.24 8.30 -10.55
N SER A 3 4.23 9.16 -10.51
CA SER A 3 2.88 8.69 -10.27
C SER A 3 2.15 8.52 -11.60
N ARG A 4 1.69 7.29 -11.83
CA ARG A 4 0.98 6.97 -13.06
C ARG A 4 0.97 5.46 -13.29
N ARG A 5 2.13 4.96 -13.71
CA ARG A 5 2.28 3.54 -13.97
C ARG A 5 2.60 2.79 -12.68
N LEU A 6 2.98 3.55 -11.66
CA LEU A 6 3.32 2.97 -10.38
C LEU A 6 2.05 2.36 -9.75
N LEU A 7 0.94 3.01 -10.02
CA LEU A 7 -0.34 2.55 -9.50
C LEU A 7 -0.67 1.17 -10.08
N ALA A 8 -0.06 0.91 -11.24
CA ALA A 8 -0.27 -0.36 -11.92
C ALA A 8 0.37 -1.49 -11.10
N SER A 9 1.69 -1.40 -10.99
CA SER A 9 2.44 -2.40 -10.24
C SER A 9 1.89 -2.52 -8.82
N LEU A 10 1.39 -1.40 -8.32
CA LEU A 10 0.83 -1.36 -6.98
C LEU A 10 -0.44 -2.21 -6.95
N LEU A 11 -1.17 -2.18 -8.05
CA LEU A 11 -2.40 -2.93 -8.17
C LEU A 11 -2.09 -4.37 -8.60
N ARG A 12 -1.27 -4.46 -9.64
CA ARG A 12 -0.88 -5.76 -10.16
C ARG A 12 -0.12 -6.56 -9.10
N GLN A 13 0.31 -5.84 -8.07
CA GLN A 13 1.04 -6.47 -6.99
C GLN A 13 0.08 -7.07 -5.96
N SER A 14 -0.96 -6.31 -5.66
CA SER A 14 -1.96 -6.76 -4.71
C SER A 14 -2.88 -7.80 -5.35
N ALA A 15 -3.16 -7.59 -6.62
CA ALA A 15 -4.01 -8.50 -7.36
C ALA A 15 -3.41 -9.90 -7.33
N GLN A 16 -2.10 -9.95 -7.51
CA GLN A 16 -1.39 -11.21 -7.50
C GLN A 16 -1.30 -11.77 -6.07
N ARG A 17 -1.31 -10.86 -5.11
CA ARG A 17 -1.23 -11.24 -3.72
C ARG A 17 -0.30 -12.43 -3.54
N GLY A 18 0.82 -12.37 -4.25
CA GLY A 18 1.81 -13.44 -4.17
C GLY A 18 2.11 -13.80 -2.73
N GLY A 19 2.85 -12.92 -2.07
CA GLY A 19 3.21 -13.13 -0.68
C GLY A 19 2.20 -12.47 0.27
N GLY A 20 2.33 -11.15 0.39
CA GLY A 20 1.45 -10.40 1.26
C GLY A 20 2.13 -9.13 1.76
N LEU A 21 2.34 -8.20 0.85
CA LEU A 21 2.99 -6.94 1.19
C LEU A 21 2.03 -6.10 2.03
N ILE A 22 0.75 -6.16 1.66
CA ILE A 22 -0.27 -5.41 2.37
C ILE A 22 -1.02 -6.34 3.32
N SER A 23 -0.53 -7.57 3.40
CA SER A 23 -1.13 -8.57 4.27
C SER A 23 -1.58 -7.91 5.58
N ARG A 24 -0.59 -7.61 6.41
CA ARG A 24 -0.87 -6.99 7.70
C ARG A 24 0.35 -6.21 8.18
N SER A 25 1.16 -5.79 7.23
CA SER A 25 2.38 -5.04 7.54
C SER A 25 2.04 -3.55 7.68
N LEU A 26 2.03 -2.88 6.53
CA LEU A 26 1.74 -1.46 6.51
C LEU A 26 0.23 -1.26 6.65
N GLY A 27 -0.52 -2.25 6.19
CA GLY A 27 -1.96 -2.20 6.24
C GLY A 27 -2.46 -2.24 7.69
N ASN A 28 -1.99 -3.25 8.41
CA ASN A 28 -2.37 -3.42 9.80
C ASN A 28 -2.41 -2.04 10.48
N SER A 29 -1.57 -1.15 9.99
CA SER A 29 -1.50 0.19 10.54
C SER A 29 -1.14 1.19 9.44
N ILE A 30 -2.03 1.29 8.46
CA ILE A 30 -1.82 2.19 7.34
C ILE A 30 -1.32 3.54 7.87
N PRO A 31 -2.06 4.07 8.88
CA PRO A 31 -1.70 5.35 9.48
C PRO A 31 -0.49 5.20 10.40
N LYS A 32 -0.71 4.50 11.51
CA LYS A 32 0.35 4.29 12.48
C LYS A 32 1.66 4.02 11.73
N SER A 33 1.58 3.10 10.78
CA SER A 33 2.75 2.74 9.99
C SER A 33 3.18 3.93 9.13
N ALA A 34 2.19 4.58 8.52
CA ALA A 34 2.45 5.72 7.67
C ALA A 34 3.16 6.80 8.48
N SER A 35 3.09 6.65 9.79
CA SER A 35 3.71 7.62 10.68
C SER A 35 5.06 7.08 11.16
N ARG A 36 5.35 5.85 10.77
CA ARG A 36 6.60 5.21 11.15
C ARG A 36 6.87 4.00 10.25
N ALA A 37 6.87 4.25 8.96
CA ALA A 37 7.10 3.18 7.99
C ALA A 37 8.28 3.57 7.09
N SER A 38 7.94 4.09 5.91
CA SER A 38 8.95 4.51 4.96
C SER A 38 9.70 3.28 4.43
N SER A 39 10.72 3.56 3.63
CA SER A 39 11.53 2.48 3.06
C SER A 39 10.75 1.78 1.95
N ARG A 40 9.63 1.18 2.35
CA ARG A 40 8.79 0.47 1.40
C ARG A 40 7.33 0.90 1.57
N ALA A 41 7.15 2.05 2.19
CA ALA A 41 5.82 2.58 2.42
C ALA A 41 5.59 3.78 1.49
N SER A 42 6.67 4.20 0.84
CA SER A 42 6.59 5.33 -0.07
C SER A 42 5.91 4.91 -1.38
N PRO A 43 6.40 3.77 -1.94
CA PRO A 43 5.86 3.25 -3.18
C PRO A 43 4.50 2.58 -2.94
N LYS A 44 4.38 1.98 -1.76
CA LYS A 44 3.13 1.31 -1.40
C LYS A 44 2.16 2.33 -0.81
N GLY A 45 2.72 3.30 -0.11
CA GLY A 45 1.92 4.34 0.51
C GLY A 45 0.82 4.83 -0.44
N PHE A 46 1.26 5.21 -1.64
CA PHE A 46 0.33 5.70 -2.64
C PHE A 46 -0.92 4.81 -2.72
N LEU A 47 -0.68 3.51 -2.61
CA LEU A 47 -1.76 2.55 -2.66
C LEU A 47 -2.51 2.55 -1.33
N LEU A 48 -1.77 2.81 -0.27
CA LEU A 48 -2.35 2.84 1.06
C LEU A 48 -3.22 4.09 1.20
N ASN A 49 -2.68 5.22 0.74
CA ASN A 49 -3.40 6.47 0.81
C ASN A 49 -4.80 6.30 0.22
N ARG A 50 -4.86 5.53 -0.86
CA ARG A 50 -6.12 5.26 -1.53
C ARG A 50 -6.94 4.25 -0.73
N ALA A 51 -6.23 3.41 0.01
CA ALA A 51 -6.87 2.38 0.82
C ALA A 51 -7.57 3.05 2.01
N VAL A 52 -6.98 4.14 2.46
CA VAL A 52 -7.52 4.87 3.59
C VAL A 52 -8.60 5.85 3.09
N GLN A 53 -8.50 6.18 1.82
CA GLN A 53 -9.46 7.09 1.21
C GLN A 53 -10.85 6.47 1.19
N TYR A 54 -10.92 5.27 0.60
CA TYR A 54 -12.18 4.56 0.52
C TYR A 54 -12.60 4.01 1.87
N ALA A 2 0.47 11.94 -9.22
CA ALA A 2 1.84 11.50 -9.03
C ALA A 2 1.92 9.98 -9.19
N SER A 3 2.93 9.54 -9.91
CA SER A 3 3.12 8.12 -10.15
C SER A 3 1.77 7.45 -10.45
N ARG A 4 1.26 7.75 -11.64
CA ARG A 4 -0.01 7.19 -12.07
C ARG A 4 0.17 5.73 -12.50
N ARG A 5 1.04 5.54 -13.48
CA ARG A 5 1.31 4.20 -13.99
C ARG A 5 1.71 3.27 -12.84
N LEU A 6 2.42 3.84 -11.87
CA LEU A 6 2.86 3.08 -10.73
C LEU A 6 1.65 2.46 -10.02
N LEU A 7 0.68 3.30 -9.73
CA LEU A 7 -0.52 2.85 -9.06
C LEU A 7 -0.97 1.52 -9.67
N ALA A 8 -0.75 1.40 -10.97
CA ALA A 8 -1.12 0.19 -11.68
C ALA A 8 -0.37 -1.00 -11.09
N SER A 9 0.94 -0.96 -11.23
CA SER A 9 1.79 -2.03 -10.71
C SER A 9 1.49 -2.25 -9.23
N LEU A 10 1.13 -1.17 -8.56
CA LEU A 10 0.82 -1.24 -7.14
C LEU A 10 -0.38 -2.17 -6.94
N LEU A 11 -1.33 -2.08 -7.85
CA LEU A 11 -2.53 -2.91 -7.78
C LEU A 11 -2.17 -4.35 -8.14
N ARG A 12 -1.48 -4.50 -9.27
CA ARG A 12 -1.07 -5.80 -9.73
C ARG A 12 -0.26 -6.52 -8.65
N GLN A 13 0.48 -5.73 -7.90
CA GLN A 13 1.30 -6.28 -6.82
C GLN A 13 0.41 -6.85 -5.71
N SER A 14 -0.62 -6.09 -5.39
CA SER A 14 -1.56 -6.50 -4.34
C SER A 14 -2.52 -7.55 -4.89
N ALA A 15 -2.63 -7.58 -6.22
CA ALA A 15 -3.51 -8.53 -6.87
C ALA A 15 -2.82 -9.89 -6.95
N GLN A 16 -1.59 -9.87 -7.44
CA GLN A 16 -0.82 -11.09 -7.56
C GLN A 16 -0.57 -11.70 -6.19
N ARG A 17 -0.85 -10.92 -5.16
CA ARG A 17 -0.66 -11.38 -3.80
C ARG A 17 -1.91 -11.09 -2.96
N GLY A 18 -2.92 -11.94 -3.15
CA GLY A 18 -4.16 -11.80 -2.43
C GLY A 18 -3.93 -11.81 -0.91
N GLY A 19 -2.98 -12.65 -0.51
CA GLY A 19 -2.66 -12.78 0.90
C GLY A 19 -2.71 -11.42 1.61
N GLY A 20 -1.89 -10.49 1.10
CA GLY A 20 -1.84 -9.16 1.67
C GLY A 20 -0.61 -8.98 2.55
N LEU A 21 -0.83 -9.09 3.85
CA LEU A 21 0.25 -8.95 4.81
C LEU A 21 0.84 -7.54 4.71
N ILE A 22 0.09 -6.67 4.04
CA ILE A 22 0.51 -5.30 3.86
C ILE A 22 -0.67 -4.37 4.13
N SER A 23 -1.81 -4.71 3.54
CA SER A 23 -3.01 -3.92 3.71
C SER A 23 -3.44 -3.93 5.17
N ARG A 24 -2.90 -4.88 5.91
CA ARG A 24 -3.23 -5.01 7.33
C ARG A 24 -2.01 -4.65 8.18
N SER A 25 -0.84 -4.97 7.65
CA SER A 25 0.40 -4.69 8.36
C SER A 25 0.76 -3.21 8.20
N LEU A 26 0.54 -2.71 7.00
CA LEU A 26 0.84 -1.32 6.70
C LEU A 26 -0.34 -0.44 7.11
N GLY A 27 -1.45 -1.11 7.42
CA GLY A 27 -2.66 -0.40 7.83
C GLY A 27 -2.55 0.05 9.28
N ASN A 28 -1.54 -0.47 9.97
CA ASN A 28 -1.32 -0.12 11.36
C ASN A 28 -1.16 1.39 11.49
N SER A 29 -0.88 2.03 10.35
CA SER A 29 -0.69 3.47 10.32
C SER A 29 -0.63 3.96 8.87
N ILE A 30 -1.76 3.87 8.20
CA ILE A 30 -1.83 4.29 6.81
C ILE A 30 -1.90 5.82 6.75
N PRO A 31 -2.84 6.39 7.54
CA PRO A 31 -3.01 7.82 7.59
C PRO A 31 -1.89 8.48 8.40
N LYS A 32 -1.14 7.66 9.10
CA LYS A 32 -0.03 8.14 9.92
C LYS A 32 1.22 8.28 9.04
N SER A 33 1.01 8.13 7.74
CA SER A 33 2.10 8.24 6.80
C SER A 33 3.03 7.04 6.94
N ALA A 34 2.45 5.90 7.29
CA ALA A 34 3.21 4.68 7.46
C ALA A 34 4.29 4.91 8.52
N SER A 35 3.94 5.71 9.52
CA SER A 35 4.86 6.01 10.60
C SER A 35 5.42 4.72 11.20
N ARG A 36 4.68 3.64 10.97
CA ARG A 36 5.08 2.33 11.48
C ARG A 36 5.19 1.33 10.33
N ALA A 37 6.04 1.67 9.37
CA ALA A 37 6.23 0.80 8.22
C ALA A 37 7.70 0.89 7.78
N SER A 38 7.92 1.71 6.76
CA SER A 38 9.27 1.89 6.23
C SER A 38 9.76 0.59 5.59
N SER A 39 10.90 0.69 4.93
CA SER A 39 11.48 -0.47 4.26
C SER A 39 10.87 -0.65 2.88
N ARG A 40 9.55 -0.70 2.85
CA ARG A 40 8.83 -0.87 1.59
C ARG A 40 7.39 -0.39 1.75
N ALA A 41 7.25 0.87 2.13
CA ALA A 41 5.94 1.46 2.31
C ALA A 41 5.79 2.65 1.36
N SER A 42 6.86 2.94 0.64
CA SER A 42 6.86 4.05 -0.31
C SER A 42 6.01 3.68 -1.53
N PRO A 43 6.33 2.50 -2.12
CA PRO A 43 5.60 2.04 -3.30
C PRO A 43 4.20 1.53 -2.91
N LYS A 44 4.14 0.95 -1.72
CA LYS A 44 2.87 0.41 -1.23
C LYS A 44 2.08 1.54 -0.55
N GLY A 45 2.81 2.54 -0.09
CA GLY A 45 2.19 3.68 0.57
C GLY A 45 1.08 4.28 -0.30
N PHE A 46 1.47 4.66 -1.51
CA PHE A 46 0.53 5.26 -2.45
C PHE A 46 -0.76 4.43 -2.53
N LEU A 47 -0.58 3.12 -2.58
CA LEU A 47 -1.71 2.20 -2.67
C LEU A 47 -2.31 2.02 -1.28
N LEU A 48 -1.48 2.30 -0.27
CA LEU A 48 -1.92 2.15 1.11
C LEU A 48 -2.71 3.41 1.51
N ASN A 49 -2.45 4.49 0.80
CA ASN A 49 -3.14 5.74 1.07
C ASN A 49 -4.51 5.73 0.40
N ARG A 50 -4.57 5.06 -0.74
CA ARG A 50 -5.82 4.96 -1.49
C ARG A 50 -6.82 4.07 -0.75
N ALA A 51 -6.28 3.18 0.08
CA ALA A 51 -7.10 2.28 0.85
C ALA A 51 -7.99 3.09 1.80
N VAL A 52 -7.38 4.09 2.41
CA VAL A 52 -8.10 4.94 3.34
C VAL A 52 -8.81 6.05 2.56
N GLN A 53 -8.29 6.32 1.37
CA GLN A 53 -8.88 7.34 0.52
C GLN A 53 -10.32 7.00 0.17
N TYR A 54 -10.51 5.75 -0.24
CA TYR A 54 -11.84 5.28 -0.60
C TYR A 54 -12.63 4.85 0.64
N ALA A 2 1.34 11.47 -8.42
CA ALA A 2 1.20 11.08 -9.82
C ALA A 2 1.19 9.56 -9.92
N SER A 3 2.38 8.99 -10.03
CA SER A 3 2.52 7.56 -10.14
C SER A 3 1.41 6.98 -11.01
N ARG A 4 1.69 6.90 -12.31
CA ARG A 4 0.73 6.37 -13.26
C ARG A 4 0.97 4.87 -13.48
N ARG A 5 2.21 4.55 -13.81
CA ARG A 5 2.56 3.16 -14.05
C ARG A 5 2.87 2.45 -12.73
N LEU A 6 3.19 3.26 -11.73
CA LEU A 6 3.50 2.72 -10.41
C LEU A 6 2.27 2.02 -9.85
N LEU A 7 1.28 2.82 -9.50
CA LEU A 7 0.05 2.28 -8.95
C LEU A 7 -0.34 1.01 -9.71
N ALA A 8 0.05 0.97 -10.97
CA ALA A 8 -0.24 -0.17 -11.82
C ALA A 8 0.40 -1.42 -11.22
N SER A 9 1.72 -1.43 -11.22
CA SER A 9 2.47 -2.56 -10.68
C SER A 9 2.02 -2.84 -9.24
N LEU A 10 1.77 -1.77 -8.51
CA LEU A 10 1.33 -1.88 -7.13
C LEU A 10 -0.02 -2.59 -7.08
N LEU A 11 -0.80 -2.38 -8.14
CA LEU A 11 -2.11 -2.99 -8.23
C LEU A 11 -1.98 -4.40 -8.83
N ARG A 12 -1.22 -4.47 -9.91
CA ARG A 12 -1.00 -5.74 -10.58
C ARG A 12 -0.22 -6.69 -9.68
N GLN A 13 0.59 -6.10 -8.80
CA GLN A 13 1.40 -6.88 -7.88
C GLN A 13 0.58 -7.23 -6.63
N SER A 14 -0.20 -6.26 -6.19
CA SER A 14 -1.02 -6.46 -5.01
C SER A 14 -2.20 -7.36 -5.35
N ALA A 15 -2.66 -7.26 -6.58
CA ALA A 15 -3.78 -8.07 -7.04
C ALA A 15 -3.41 -9.55 -6.95
N GLN A 16 -2.17 -9.84 -7.32
CA GLN A 16 -1.67 -11.20 -7.30
C GLN A 16 -1.32 -11.61 -5.86
N ARG A 17 -1.00 -10.61 -5.06
CA ARG A 17 -0.64 -10.84 -3.67
C ARG A 17 0.21 -12.10 -3.55
N GLY A 18 1.26 -12.15 -4.37
CA GLY A 18 2.15 -13.29 -4.36
C GLY A 18 3.30 -13.09 -3.36
N GLY A 19 2.97 -12.41 -2.27
CA GLY A 19 3.94 -12.15 -1.23
C GLY A 19 4.14 -10.64 -1.03
N GLY A 20 3.07 -9.99 -0.61
CA GLY A 20 3.11 -8.55 -0.38
C GLY A 20 2.89 -8.22 1.10
N LEU A 21 3.98 -7.93 1.78
CA LEU A 21 3.92 -7.60 3.19
C LEU A 21 3.08 -6.34 3.38
N ILE A 22 3.53 -5.26 2.76
CA ILE A 22 2.83 -3.99 2.84
C ILE A 22 1.35 -4.22 2.56
N SER A 23 1.06 -5.29 1.84
CA SER A 23 -0.31 -5.62 1.50
C SER A 23 -1.16 -5.71 2.77
N ARG A 24 -0.49 -6.00 3.87
CA ARG A 24 -1.18 -6.10 5.15
C ARG A 24 -0.31 -5.50 6.26
N SER A 25 0.96 -5.89 6.25
CA SER A 25 1.89 -5.41 7.26
C SER A 25 1.69 -3.91 7.47
N LEU A 26 1.65 -3.18 6.37
CA LEU A 26 1.46 -1.74 6.42
C LEU A 26 -0.03 -1.42 6.51
N GLY A 27 -0.83 -2.37 6.05
CA GLY A 27 -2.28 -2.21 6.08
C GLY A 27 -2.79 -2.11 7.51
N ASN A 28 -1.91 -2.41 8.45
CA ASN A 28 -2.26 -2.35 9.86
C ASN A 28 -1.69 -1.07 10.47
N SER A 29 -0.79 -0.45 9.72
CA SER A 29 -0.15 0.78 10.18
C SER A 29 -0.91 1.98 9.64
N ILE A 30 -1.93 1.71 8.85
CA ILE A 30 -2.75 2.76 8.25
C ILE A 30 -3.54 3.45 9.36
N PRO A 31 -4.23 2.61 10.20
CA PRO A 31 -5.02 3.13 11.29
C PRO A 31 -4.14 3.61 12.44
N LYS A 32 -2.85 3.29 12.33
CA LYS A 32 -1.90 3.69 13.35
C LYS A 32 -1.39 5.10 13.04
N SER A 33 -2.06 5.74 12.11
CA SER A 33 -1.68 7.09 11.71
C SER A 33 -0.30 7.08 11.05
N ALA A 34 -0.08 6.06 10.23
CA ALA A 34 1.18 5.93 9.53
C ALA A 34 2.29 5.69 10.55
N SER A 35 2.01 4.82 11.50
CA SER A 35 2.98 4.50 12.54
C SER A 35 4.39 4.44 11.93
N ARG A 36 4.44 4.05 10.67
CA ARG A 36 5.70 3.94 9.97
C ARG A 36 5.53 4.34 8.50
N ALA A 37 5.02 3.40 7.72
CA ALA A 37 4.79 3.64 6.31
C ALA A 37 5.98 4.41 5.74
N SER A 38 7.05 3.68 5.47
CA SER A 38 8.26 4.29 4.92
C SER A 38 9.17 3.21 4.35
N SER A 39 10.06 3.64 3.47
CA SER A 39 11.00 2.73 2.84
C SER A 39 10.31 1.98 1.68
N ARG A 40 9.42 1.07 2.06
CA ARG A 40 8.69 0.28 1.08
C ARG A 40 7.21 0.67 1.08
N ALA A 41 6.91 1.73 1.83
CA ALA A 41 5.54 2.20 1.93
C ALA A 41 5.36 3.41 1.01
N SER A 42 6.42 3.71 0.26
CA SER A 42 6.39 4.82 -0.66
C SER A 42 5.60 4.46 -1.92
N PRO A 43 5.96 3.28 -2.50
CA PRO A 43 5.28 2.80 -3.70
C PRO A 43 3.90 2.26 -3.37
N LYS A 44 3.80 1.66 -2.18
CA LYS A 44 2.54 1.09 -1.74
C LYS A 44 1.70 2.19 -1.08
N GLY A 45 2.38 3.12 -0.44
CA GLY A 45 1.71 4.22 0.23
C GLY A 45 0.57 4.77 -0.63
N PHE A 46 0.93 5.18 -1.84
CA PHE A 46 -0.04 5.73 -2.75
C PHE A 46 -1.31 4.87 -2.80
N LEU A 47 -1.11 3.58 -2.60
CA LEU A 47 -2.22 2.64 -2.61
C LEU A 47 -2.86 2.60 -1.22
N LEU A 48 -2.02 2.78 -0.21
CA LEU A 48 -2.49 2.77 1.16
C LEU A 48 -3.28 4.05 1.44
N ASN A 49 -2.81 5.13 0.85
CA ASN A 49 -3.46 6.42 1.02
C ASN A 49 -4.90 6.34 0.51
N ARG A 50 -5.06 5.60 -0.59
CA ARG A 50 -6.38 5.43 -1.19
C ARG A 50 -7.22 4.46 -0.36
N ALA A 51 -6.52 3.58 0.35
CA ALA A 51 -7.18 2.59 1.18
C ALA A 51 -7.83 3.30 2.38
N VAL A 52 -7.20 4.38 2.80
CA VAL A 52 -7.71 5.15 3.92
C VAL A 52 -8.77 6.14 3.42
N GLN A 53 -8.62 6.54 2.16
CA GLN A 53 -9.55 7.48 1.56
C GLN A 53 -10.95 6.85 1.49
N TYR A 54 -11.02 5.70 0.84
CA TYR A 54 -12.28 4.99 0.70
C TYR A 54 -12.58 4.13 1.93
N ALA A 2 4.39 11.32 -7.14
CA ALA A 2 3.04 10.87 -7.43
C ALA A 2 3.05 9.37 -7.73
N SER A 3 3.85 9.00 -8.71
CA SER A 3 3.96 7.60 -9.10
C SER A 3 2.58 7.04 -9.43
N ARG A 4 1.95 7.63 -10.44
CA ARG A 4 0.63 7.20 -10.85
C ARG A 4 0.70 5.81 -11.49
N ARG A 5 1.47 5.73 -12.57
CA ARG A 5 1.63 4.47 -13.28
C ARG A 5 2.16 3.39 -12.34
N LEU A 6 2.84 3.85 -11.28
CA LEU A 6 3.39 2.93 -10.30
C LEU A 6 2.26 2.25 -9.54
N LEU A 7 1.22 3.03 -9.27
CA LEU A 7 0.06 2.52 -8.55
C LEU A 7 -0.52 1.32 -9.31
N ALA A 8 -0.26 1.31 -10.61
CA ALA A 8 -0.75 0.23 -11.46
C ALA A 8 -0.11 -1.09 -11.02
N SER A 9 1.19 -1.17 -11.22
CA SER A 9 1.93 -2.37 -10.85
C SER A 9 1.70 -2.69 -9.37
N LEU A 10 1.59 -1.64 -8.58
CA LEU A 10 1.37 -1.79 -7.15
C LEU A 10 0.07 -2.57 -6.93
N LEU A 11 -0.92 -2.25 -7.74
CA LEU A 11 -2.21 -2.91 -7.63
C LEU A 11 -2.09 -4.35 -8.12
N ARG A 12 -1.55 -4.49 -9.32
CA ARG A 12 -1.35 -5.81 -9.91
C ARG A 12 -0.60 -6.72 -8.94
N GLN A 13 0.28 -6.11 -8.15
CA GLN A 13 1.06 -6.85 -7.19
C GLN A 13 0.18 -7.29 -6.02
N SER A 14 -0.69 -6.38 -5.60
CA SER A 14 -1.59 -6.66 -4.49
C SER A 14 -2.73 -7.56 -4.96
N ALA A 15 -3.10 -7.38 -6.22
CA ALA A 15 -4.18 -8.17 -6.80
C ALA A 15 -3.73 -9.62 -6.92
N GLN A 16 -2.51 -9.80 -7.39
CA GLN A 16 -1.95 -11.13 -7.56
C GLN A 16 -1.53 -11.71 -6.19
N ARG A 17 -1.25 -10.79 -5.26
CA ARG A 17 -0.84 -11.19 -3.93
C ARG A 17 0.08 -12.41 -4.01
N GLY A 18 1.31 -12.16 -4.45
CA GLY A 18 2.29 -13.23 -4.57
C GLY A 18 2.86 -13.61 -3.20
N GLY A 19 3.22 -12.59 -2.44
CA GLY A 19 3.78 -12.80 -1.11
C GLY A 19 2.93 -12.10 -0.05
N GLY A 20 2.90 -10.78 -0.13
CA GLY A 20 2.14 -9.99 0.83
C GLY A 20 2.82 -8.65 1.09
N LEU A 21 2.95 -7.87 0.03
CA LEU A 21 3.57 -6.56 0.13
C LEU A 21 2.73 -5.66 1.03
N ILE A 22 1.42 -5.87 0.96
CA ILE A 22 0.49 -5.09 1.76
C ILE A 22 -0.49 -6.04 2.46
N SER A 23 -0.20 -7.33 2.37
CA SER A 23 -1.04 -8.34 2.98
C SER A 23 -1.50 -7.87 4.36
N ARG A 24 -0.67 -8.14 5.35
CA ARG A 24 -0.98 -7.76 6.72
C ARG A 24 0.11 -6.84 7.27
N SER A 25 0.97 -6.40 6.37
CA SER A 25 2.06 -5.50 6.74
C SER A 25 1.55 -4.07 6.81
N LEU A 26 1.73 -3.35 5.70
CA LEU A 26 1.30 -1.97 5.63
C LEU A 26 -0.18 -1.91 5.24
N GLY A 27 -0.97 -2.73 5.93
CA GLY A 27 -2.40 -2.79 5.67
C GLY A 27 -3.19 -2.97 6.97
N ASN A 28 -2.74 -3.94 7.76
CA ASN A 28 -3.40 -4.23 9.02
C ASN A 28 -3.54 -2.93 9.82
N SER A 29 -2.70 -1.97 9.49
CA SER A 29 -2.73 -0.68 10.17
C SER A 29 -2.54 0.44 9.15
N ILE A 30 -3.50 0.55 8.24
CA ILE A 30 -3.45 1.58 7.21
C ILE A 30 -3.40 2.95 7.87
N PRO A 31 -4.28 3.13 8.90
CA PRO A 31 -4.34 4.39 9.62
C PRO A 31 -3.15 4.54 10.57
N LYS A 32 -2.88 3.47 11.31
CA LYS A 32 -1.78 3.47 12.25
C LYS A 32 -0.46 3.60 11.49
N SER A 33 -0.20 2.62 10.63
CA SER A 33 1.02 2.62 9.84
C SER A 33 1.17 3.97 9.13
N ALA A 34 0.06 4.66 8.97
CA ALA A 34 0.07 5.96 8.32
C ALA A 34 1.01 6.90 9.07
N SER A 35 1.33 6.51 10.29
CA SER A 35 2.22 7.31 11.13
C SER A 35 3.67 7.09 10.70
N ARG A 36 3.92 5.90 10.17
CA ARG A 36 5.26 5.55 9.72
C ARG A 36 5.56 6.23 8.38
N ALA A 37 4.85 5.79 7.36
CA ALA A 37 5.03 6.35 6.02
C ALA A 37 6.52 6.60 5.78
N SER A 38 7.28 5.51 5.76
CA SER A 38 8.71 5.61 5.53
C SER A 38 9.32 4.21 5.42
N SER A 39 9.02 3.39 6.43
CA SER A 39 9.53 2.03 6.46
C SER A 39 8.91 1.22 5.32
N ARG A 40 9.43 1.45 4.13
CA ARG A 40 8.94 0.75 2.95
C ARG A 40 7.45 1.03 2.75
N ALA A 41 7.03 2.20 3.18
CA ALA A 41 5.63 2.60 3.06
C ALA A 41 5.53 3.79 2.11
N SER A 42 6.68 4.20 1.58
CA SER A 42 6.73 5.33 0.67
C SER A 42 6.15 4.92 -0.69
N PRO A 43 6.68 3.78 -1.23
CA PRO A 43 6.22 3.29 -2.51
C PRO A 43 4.85 2.62 -2.38
N LYS A 44 4.65 1.99 -1.24
CA LYS A 44 3.38 1.30 -0.98
C LYS A 44 2.37 2.31 -0.42
N GLY A 45 2.90 3.41 0.11
CA GLY A 45 2.06 4.45 0.68
C GLY A 45 1.05 4.95 -0.35
N PHE A 46 1.58 5.41 -1.48
CA PHE A 46 0.74 5.93 -2.54
C PHE A 46 -0.46 5.01 -2.80
N LEU A 47 -0.18 3.71 -2.76
CA LEU A 47 -1.20 2.71 -2.98
C LEU A 47 -2.07 2.59 -1.72
N LEU A 48 -1.44 2.82 -0.59
CA LEU A 48 -2.14 2.74 0.69
C LEU A 48 -3.09 3.93 0.82
N ASN A 49 -2.59 5.10 0.44
CA ASN A 49 -3.38 6.31 0.51
C ASN A 49 -4.69 6.10 -0.24
N ARG A 50 -4.58 5.46 -1.39
CA ARG A 50 -5.75 5.19 -2.21
C ARG A 50 -6.74 4.30 -1.46
N ALA A 51 -6.20 3.31 -0.76
CA ALA A 51 -7.02 2.39 0.00
C ALA A 51 -7.72 3.16 1.13
N VAL A 52 -6.91 3.91 1.87
CA VAL A 52 -7.44 4.69 2.98
C VAL A 52 -8.68 5.44 2.52
N GLN A 53 -8.66 5.85 1.26
CA GLN A 53 -9.77 6.58 0.68
C GLN A 53 -11.10 5.92 1.07
N TYR A 54 -11.27 4.68 0.63
CA TYR A 54 -12.48 3.94 0.93
C TYR A 54 -12.97 4.24 2.34
N ALA A 2 -2.85 9.67 -13.80
CA ALA A 2 -1.51 9.68 -14.34
C ALA A 2 -0.63 8.74 -13.52
N SER A 3 -0.83 8.80 -12.21
CA SER A 3 -0.06 7.97 -11.30
C SER A 3 -0.94 6.86 -10.72
N ARG A 4 -2.19 6.86 -11.17
CA ARG A 4 -3.14 5.86 -10.70
C ARG A 4 -2.77 4.47 -11.23
N ARG A 5 -1.94 4.48 -12.27
CA ARG A 5 -1.51 3.24 -12.88
C ARG A 5 -0.40 2.60 -12.05
N LEU A 6 0.42 3.46 -11.44
CA LEU A 6 1.51 2.99 -10.60
C LEU A 6 0.94 2.16 -9.44
N LEU A 7 0.25 2.85 -8.56
CA LEU A 7 -0.35 2.20 -7.41
C LEU A 7 -1.09 0.95 -7.86
N ALA A 8 -1.67 1.04 -9.05
CA ALA A 8 -2.41 -0.08 -9.61
C ALA A 8 -1.46 -1.25 -9.87
N SER A 9 -0.43 -0.96 -10.65
CA SER A 9 0.56 -1.97 -10.98
C SER A 9 1.12 -2.60 -9.69
N LEU A 10 1.10 -1.81 -8.63
CA LEU A 10 1.60 -2.28 -7.35
C LEU A 10 0.62 -3.31 -6.78
N LEU A 11 -0.66 -3.08 -7.02
CA LEU A 11 -1.69 -3.98 -6.54
C LEU A 11 -1.86 -5.13 -7.54
N ARG A 12 -1.99 -4.75 -8.81
CA ARG A 12 -2.17 -5.74 -9.87
C ARG A 12 -0.98 -6.70 -9.89
N GLN A 13 0.16 -6.20 -9.44
CA GLN A 13 1.37 -7.00 -9.41
C GLN A 13 1.42 -7.84 -8.13
N SER A 14 0.84 -7.29 -7.08
CA SER A 14 0.81 -7.97 -5.79
C SER A 14 -0.33 -8.99 -5.77
N ALA A 15 -1.29 -8.78 -6.66
CA ALA A 15 -2.42 -9.66 -6.75
C ALA A 15 -2.02 -10.95 -7.50
N GLN A 16 -1.22 -10.76 -8.53
CA GLN A 16 -0.75 -11.88 -9.34
C GLN A 16 0.42 -12.58 -8.64
N ARG A 17 0.75 -12.07 -7.46
CA ARG A 17 1.84 -12.63 -6.68
C ARG A 17 1.32 -13.74 -5.76
N GLY A 18 0.12 -14.20 -6.06
CA GLY A 18 -0.50 -15.25 -5.26
C GLY A 18 -0.20 -15.06 -3.78
N GLY A 19 -0.66 -13.95 -3.24
CA GLY A 19 -0.44 -13.63 -1.84
C GLY A 19 -0.49 -12.12 -1.60
N GLY A 20 0.36 -11.42 -2.34
CA GLY A 20 0.42 -9.98 -2.21
C GLY A 20 0.90 -9.56 -0.82
N LEU A 21 1.80 -8.59 -0.80
CA LEU A 21 2.34 -8.10 0.45
C LEU A 21 1.34 -7.13 1.09
N ILE A 22 0.84 -6.22 0.27
CA ILE A 22 -0.12 -5.24 0.74
C ILE A 22 -1.54 -5.77 0.52
N SER A 23 -1.61 -7.04 0.15
CA SER A 23 -2.90 -7.67 -0.09
C SER A 23 -3.89 -7.30 1.01
N ARG A 24 -3.45 -7.50 2.24
CA ARG A 24 -4.28 -7.19 3.39
C ARG A 24 -3.44 -7.15 4.67
N SER A 25 -2.18 -6.80 4.49
CA SER A 25 -1.25 -6.71 5.61
C SER A 25 -1.36 -5.35 6.28
N LEU A 26 -0.98 -4.32 5.52
CA LEU A 26 -1.03 -2.96 6.03
C LEU A 26 -2.45 -2.42 5.90
N GLY A 27 -3.18 -3.00 4.95
CA GLY A 27 -4.55 -2.59 4.70
C GLY A 27 -5.43 -2.89 5.91
N ASN A 28 -4.93 -3.75 6.78
CA ASN A 28 -5.67 -4.13 7.97
C ASN A 28 -5.23 -3.25 9.14
N SER A 29 -4.14 -2.52 8.92
CA SER A 29 -3.60 -1.63 9.93
C SER A 29 -4.17 -0.21 9.74
N ILE A 30 -4.82 -0.03 8.59
CA ILE A 30 -5.40 1.26 8.28
C ILE A 30 -6.62 1.51 9.17
N PRO A 31 -7.55 0.51 9.14
CA PRO A 31 -8.76 0.59 9.95
C PRO A 31 -8.46 0.35 11.42
N LYS A 32 -7.28 -0.18 11.68
CA LYS A 32 -6.86 -0.47 13.03
C LYS A 32 -6.22 0.77 13.65
N SER A 33 -6.40 1.89 12.97
CA SER A 33 -5.85 3.16 13.43
C SER A 33 -4.32 3.12 13.36
N ALA A 34 -3.83 2.42 12.34
CA ALA A 34 -2.39 2.29 12.16
C ALA A 34 -1.81 1.37 13.22
N SER A 35 -2.48 0.24 13.40
CA SER A 35 -2.04 -0.74 14.38
C SER A 35 -0.52 -0.78 14.44
N ARG A 36 0.10 -0.64 13.29
CA ARG A 36 1.55 -0.66 13.19
C ARG A 36 2.02 0.32 12.11
N ALA A 37 2.21 -0.22 10.91
CA ALA A 37 2.65 0.59 9.79
C ALA A 37 4.05 1.15 10.10
N SER A 38 5.05 0.51 9.53
CA SER A 38 6.42 0.95 9.73
C SER A 38 7.37 0.10 8.87
N SER A 39 7.31 -1.20 9.08
CA SER A 39 8.15 -2.12 8.33
C SER A 39 8.14 -1.74 6.84
N ARG A 40 7.00 -1.95 6.22
CA ARG A 40 6.84 -1.64 4.81
C ARG A 40 5.52 -0.90 4.58
N ALA A 41 5.54 0.38 4.94
CA ALA A 41 4.36 1.22 4.77
C ALA A 41 4.70 2.40 3.86
N SER A 42 5.97 2.45 3.46
CA SER A 42 6.44 3.51 2.60
C SER A 42 5.96 3.27 1.16
N PRO A 43 6.26 2.05 0.65
CA PRO A 43 5.87 1.68 -0.70
C PRO A 43 4.37 1.36 -0.76
N LYS A 44 3.86 0.82 0.34
CA LYS A 44 2.46 0.47 0.41
C LYS A 44 1.65 1.69 0.85
N GLY A 45 2.34 2.60 1.52
CA GLY A 45 1.71 3.82 2.00
C GLY A 45 0.98 4.54 0.86
N PHE A 46 1.76 4.95 -0.13
CA PHE A 46 1.21 5.65 -1.28
C PHE A 46 -0.08 4.98 -1.75
N LEU A 47 -0.11 3.67 -1.64
CA LEU A 47 -1.27 2.90 -2.06
C LEU A 47 -2.30 2.88 -0.92
N LEU A 48 -1.79 2.86 0.30
CA LEU A 48 -2.64 2.85 1.47
C LEU A 48 -3.33 4.20 1.62
N ASN A 49 -2.64 5.23 1.15
CA ASN A 49 -3.17 6.59 1.21
C ASN A 49 -4.33 6.72 0.23
N ARG A 50 -4.18 6.06 -0.91
CA ARG A 50 -5.21 6.10 -1.93
C ARG A 50 -6.45 5.33 -1.48
N ALA A 51 -6.21 4.36 -0.61
CA ALA A 51 -7.30 3.55 -0.09
C ALA A 51 -8.09 4.35 0.94
N VAL A 52 -7.36 4.91 1.90
CA VAL A 52 -7.98 5.70 2.94
C VAL A 52 -8.68 6.90 2.32
N GLN A 53 -8.34 7.17 1.06
CA GLN A 53 -8.93 8.28 0.34
C GLN A 53 -10.34 7.92 -0.14
N TYR A 54 -10.42 6.77 -0.80
CA TYR A 54 -11.70 6.30 -1.32
C TYR A 54 -12.47 5.53 -0.25
N ALA A 2 6.89 7.76 -13.82
CA ALA A 2 7.03 7.96 -12.38
C ALA A 2 5.71 7.60 -11.69
N SER A 3 4.65 8.27 -12.10
CA SER A 3 3.34 8.04 -11.52
C SER A 3 2.46 7.29 -12.53
N ARG A 4 1.27 6.93 -12.07
CA ARG A 4 0.33 6.22 -12.92
C ARG A 4 0.71 4.75 -13.02
N ARG A 5 1.90 4.51 -13.54
CA ARG A 5 2.39 3.15 -13.70
C ARG A 5 2.74 2.55 -12.34
N LEU A 6 3.13 3.42 -11.42
CA LEU A 6 3.48 2.99 -10.08
C LEU A 6 2.26 2.35 -9.42
N LEU A 7 1.27 3.19 -9.14
CA LEU A 7 0.05 2.72 -8.51
C LEU A 7 -0.41 1.43 -9.20
N ALA A 8 -0.08 1.33 -10.48
CA ALA A 8 -0.44 0.16 -11.25
C ALA A 8 0.29 -1.06 -10.71
N SER A 9 1.61 -1.03 -10.82
CA SER A 9 2.44 -2.12 -10.34
C SER A 9 2.04 -2.49 -8.90
N LEU A 10 1.60 -1.48 -8.17
CA LEU A 10 1.18 -1.67 -6.79
C LEU A 10 -0.16 -2.39 -6.77
N LEU A 11 -0.97 -2.09 -7.77
CA LEU A 11 -2.30 -2.69 -7.88
C LEU A 11 -2.15 -4.14 -8.33
N ARG A 12 -1.25 -4.35 -9.28
CA ARG A 12 -1.01 -5.68 -9.81
C ARG A 12 -0.42 -6.58 -8.73
N GLN A 13 0.17 -5.95 -7.72
CA GLN A 13 0.77 -6.68 -6.62
C GLN A 13 -0.30 -7.17 -5.65
N SER A 14 -1.25 -6.29 -5.37
CA SER A 14 -2.33 -6.61 -4.46
C SER A 14 -3.34 -7.53 -5.17
N ALA A 15 -3.45 -7.34 -6.48
CA ALA A 15 -4.36 -8.13 -7.27
C ALA A 15 -3.87 -9.58 -7.32
N GLN A 16 -2.57 -9.72 -7.55
CA GLN A 16 -1.97 -11.04 -7.63
C GLN A 16 -1.84 -11.65 -6.23
N ARG A 17 -1.66 -10.76 -5.25
CA ARG A 17 -1.52 -11.20 -3.87
C ARG A 17 -0.68 -12.48 -3.80
N GLY A 18 0.62 -12.29 -3.77
CA GLY A 18 1.54 -13.42 -3.69
C GLY A 18 2.37 -13.37 -2.41
N GLY A 19 1.66 -13.22 -1.29
CA GLY A 19 2.32 -13.16 0.00
C GLY A 19 1.51 -12.32 0.99
N GLY A 20 1.41 -11.04 0.68
CA GLY A 20 0.67 -10.11 1.52
C GLY A 20 1.60 -9.38 2.49
N LEU A 21 2.45 -8.54 1.91
CA LEU A 21 3.40 -7.77 2.70
C LEU A 21 2.87 -6.35 2.88
N ILE A 22 1.82 -6.04 2.13
CA ILE A 22 1.21 -4.72 2.20
C ILE A 22 -0.22 -4.84 2.72
N SER A 23 -0.61 -6.08 2.96
CA SER A 23 -1.95 -6.36 3.46
C SER A 23 -1.89 -6.83 4.92
N ARG A 24 -0.72 -7.34 5.28
CA ARG A 24 -0.50 -7.82 6.63
C ARG A 24 0.33 -6.82 7.44
N SER A 25 1.40 -6.36 6.82
CA SER A 25 2.28 -5.40 7.45
C SER A 25 1.75 -3.98 7.25
N LEU A 26 1.89 -3.50 6.03
CA LEU A 26 1.42 -2.17 5.68
C LEU A 26 -0.07 -2.22 5.35
N GLY A 27 -0.81 -2.87 6.23
CA GLY A 27 -2.25 -2.99 6.05
C GLY A 27 -3.00 -2.77 7.36
N ASN A 28 -2.72 -3.64 8.33
CA ASN A 28 -3.36 -3.54 9.62
C ASN A 28 -3.16 -2.13 10.18
N SER A 29 -2.15 -1.45 9.65
CA SER A 29 -1.86 -0.10 10.08
C SER A 29 -1.33 0.72 8.90
N ILE A 30 -2.11 0.72 7.83
CA ILE A 30 -1.74 1.45 6.63
C ILE A 30 -1.22 2.84 7.03
N PRO A 31 -2.01 3.53 7.89
CA PRO A 31 -1.62 4.85 8.36
C PRO A 31 -0.51 4.77 9.40
N LYS A 32 -0.84 4.18 10.54
CA LYS A 32 0.11 4.03 11.62
C LYS A 32 1.45 3.56 11.05
N SER A 33 1.40 2.42 10.37
CA SER A 33 2.59 1.85 9.78
C SER A 33 3.23 2.86 8.82
N ALA A 34 2.37 3.59 8.12
CA ALA A 34 2.83 4.59 7.17
C ALA A 34 3.55 5.71 7.92
N SER A 35 3.42 5.67 9.24
CA SER A 35 4.04 6.67 10.09
C SER A 35 5.34 6.12 10.68
N ARG A 36 5.55 4.84 10.45
CA ARG A 36 6.75 4.17 10.95
C ARG A 36 7.46 3.43 9.82
N ALA A 37 6.90 3.57 8.62
CA ALA A 37 7.47 2.92 7.45
C ALA A 37 8.42 3.89 6.75
N SER A 38 7.89 4.61 5.78
CA SER A 38 8.67 5.56 5.02
C SER A 38 9.71 4.84 4.18
N SER A 39 10.00 5.41 3.01
CA SER A 39 10.97 4.83 2.10
C SER A 39 10.34 3.65 1.35
N ARG A 40 9.89 2.67 2.13
CA ARG A 40 9.28 1.49 1.54
C ARG A 40 7.78 1.71 1.37
N ALA A 41 7.22 2.53 2.24
CA ALA A 41 5.80 2.83 2.20
C ALA A 41 5.58 4.12 1.39
N SER A 42 6.66 4.58 0.77
CA SER A 42 6.60 5.79 -0.03
C SER A 42 6.01 5.48 -1.41
N PRO A 43 6.55 4.41 -2.04
CA PRO A 43 6.08 4.00 -3.36
C PRO A 43 4.73 3.30 -3.26
N LYS A 44 4.56 2.56 -2.16
CA LYS A 44 3.32 1.84 -1.94
C LYS A 44 2.31 2.77 -1.29
N GLY A 45 2.80 3.60 -0.38
CA GLY A 45 1.95 4.55 0.32
C GLY A 45 0.85 5.10 -0.60
N PHE A 46 1.30 5.62 -1.73
CA PHE A 46 0.38 6.18 -2.71
C PHE A 46 -0.84 5.27 -2.90
N LEU A 47 -0.55 3.99 -3.02
CA LEU A 47 -1.60 3.00 -3.22
C LEU A 47 -2.36 2.81 -1.90
N LEU A 48 -1.64 2.99 -0.80
CA LEU A 48 -2.23 2.85 0.51
C LEU A 48 -3.18 4.02 0.77
N ASN A 49 -2.68 5.22 0.49
CA ASN A 49 -3.47 6.42 0.69
C ASN A 49 -4.84 6.25 0.05
N ARG A 50 -4.84 5.60 -1.12
CA ARG A 50 -6.08 5.37 -1.85
C ARG A 50 -6.82 4.17 -1.25
N ALA A 51 -6.05 3.32 -0.58
CA ALA A 51 -6.62 2.14 0.04
C ALA A 51 -7.36 2.54 1.32
N VAL A 52 -6.85 3.59 1.95
CA VAL A 52 -7.45 4.09 3.17
C VAL A 52 -8.60 5.03 2.84
N GLN A 53 -8.52 5.62 1.65
CA GLN A 53 -9.54 6.55 1.20
C GLN A 53 -10.92 5.88 1.28
N TYR A 54 -10.99 4.67 0.75
CA TYR A 54 -12.24 3.92 0.74
C TYR A 54 -12.59 3.45 2.16
N ALA A 2 6.54 8.21 -11.62
CA ALA A 2 5.37 7.98 -12.45
C ALA A 2 4.13 8.50 -11.73
N SER A 3 2.99 8.31 -12.38
CA SER A 3 1.73 8.75 -11.81
C SER A 3 0.58 7.93 -12.39
N ARG A 4 -0.32 7.52 -11.50
CA ARG A 4 -1.47 6.73 -11.90
C ARG A 4 -1.03 5.33 -12.32
N ARG A 5 -0.18 5.28 -13.33
CA ARG A 5 0.33 4.02 -13.83
C ARG A 5 0.97 3.22 -12.69
N LEU A 6 1.56 3.95 -11.76
CA LEU A 6 2.21 3.32 -10.62
C LEU A 6 1.15 2.62 -9.76
N LEU A 7 -0.03 3.22 -9.72
CA LEU A 7 -1.12 2.67 -8.94
C LEU A 7 -1.52 1.31 -9.53
N ALA A 8 -1.27 1.17 -10.82
CA ALA A 8 -1.60 -0.07 -11.51
C ALA A 8 -0.65 -1.17 -11.05
N SER A 9 0.63 -0.96 -11.32
CA SER A 9 1.64 -1.93 -10.95
C SER A 9 1.51 -2.28 -9.47
N LEU A 10 1.01 -1.32 -8.71
CA LEU A 10 0.83 -1.51 -7.28
C LEU A 10 -0.30 -2.51 -7.04
N LEU A 11 -1.26 -2.49 -7.95
CA LEU A 11 -2.39 -3.40 -7.85
C LEU A 11 -1.99 -4.77 -8.40
N ARG A 12 -1.35 -4.75 -9.55
CA ARG A 12 -0.91 -5.98 -10.20
C ARG A 12 0.06 -6.73 -9.29
N GLN A 13 0.62 -6.00 -8.34
CA GLN A 13 1.57 -6.58 -7.41
C GLN A 13 0.83 -7.23 -6.24
N SER A 14 -0.21 -6.54 -5.78
CA SER A 14 -1.01 -7.03 -4.67
C SER A 14 -1.95 -8.14 -5.16
N ALA A 15 -2.24 -8.10 -6.45
CA ALA A 15 -3.13 -9.08 -7.04
C ALA A 15 -2.36 -10.40 -7.25
N GLN A 16 -1.11 -10.25 -7.65
CA GLN A 16 -0.26 -11.40 -7.89
C GLN A 16 0.30 -11.94 -6.56
N ARG A 17 -0.02 -11.21 -5.50
CA ARG A 17 0.43 -11.61 -4.18
C ARG A 17 -0.70 -12.30 -3.40
N GLY A 18 -1.93 -11.98 -3.81
CA GLY A 18 -3.09 -12.55 -3.17
C GLY A 18 -3.56 -11.69 -1.99
N GLY A 19 -2.64 -11.46 -1.07
CA GLY A 19 -2.94 -10.66 0.11
C GLY A 19 -1.95 -10.96 1.24
N GLY A 20 -0.67 -10.90 0.89
CA GLY A 20 0.37 -11.14 1.86
C GLY A 20 1.08 -9.85 2.25
N LEU A 21 1.51 -9.11 1.23
CA LEU A 21 2.20 -7.86 1.45
C LEU A 21 1.28 -6.88 2.19
N ILE A 22 -0.01 -7.21 2.16
CA ILE A 22 -1.00 -6.38 2.81
C ILE A 22 -1.81 -7.23 3.79
N SER A 23 -1.28 -8.42 4.07
CA SER A 23 -1.95 -9.33 4.98
C SER A 23 -2.49 -8.58 6.19
N ARG A 24 -1.63 -7.76 6.77
CA ARG A 24 -2.00 -6.97 7.93
C ARG A 24 -0.82 -6.14 8.42
N SER A 25 -0.04 -5.64 7.46
CA SER A 25 1.12 -4.83 7.77
C SER A 25 0.69 -3.40 8.10
N LEU A 26 0.29 -2.69 7.05
CA LEU A 26 -0.15 -1.31 7.22
C LEU A 26 -1.63 -1.29 7.60
N GLY A 27 -2.34 -2.32 7.15
CA GLY A 27 -3.76 -2.43 7.45
C GLY A 27 -4.00 -2.56 8.96
N ASN A 28 -2.97 -3.01 9.65
CA ASN A 28 -3.05 -3.18 11.10
C ASN A 28 -3.49 -1.86 11.73
N SER A 29 -3.30 -0.78 10.98
CA SER A 29 -3.67 0.54 11.46
C SER A 29 -3.28 1.59 10.43
N ILE A 30 -3.91 1.49 9.27
CA ILE A 30 -3.64 2.43 8.19
C ILE A 30 -3.64 3.86 8.75
N PRO A 31 -4.74 4.18 9.48
CA PRO A 31 -4.86 5.50 10.09
C PRO A 31 -3.95 5.65 11.30
N LYS A 32 -2.68 5.39 11.07
CA LYS A 32 -1.68 5.49 12.14
C LYS A 32 -0.33 5.03 11.62
N SER A 33 -0.30 3.78 11.17
CA SER A 33 0.92 3.20 10.64
C SER A 33 1.34 3.93 9.36
N ALA A 34 0.34 4.23 8.54
CA ALA A 34 0.58 4.92 7.28
C ALA A 34 1.64 6.00 7.50
N SER A 35 1.67 6.53 8.71
CA SER A 35 2.64 7.56 9.05
C SER A 35 4.04 6.96 9.16
N ARG A 36 4.50 6.42 8.04
CA ARG A 36 5.82 5.81 7.99
C ARG A 36 5.87 4.59 8.91
N ALA A 37 5.15 3.56 8.51
CA ALA A 37 5.11 2.33 9.29
C ALA A 37 6.44 1.59 9.14
N SER A 38 7.03 1.73 7.97
CA SER A 38 8.31 1.08 7.69
C SER A 38 8.08 -0.35 7.24
N SER A 39 9.17 -1.10 7.19
CA SER A 39 9.11 -2.49 6.78
C SER A 39 8.46 -2.60 5.39
N ARG A 40 8.65 -1.55 4.61
CA ARG A 40 8.09 -1.51 3.27
C ARG A 40 6.69 -0.91 3.30
N ALA A 41 6.64 0.40 3.43
CA ALA A 41 5.37 1.11 3.49
C ALA A 41 5.44 2.32 2.56
N SER A 42 6.54 2.41 1.83
CA SER A 42 6.73 3.51 0.90
C SER A 42 6.05 3.20 -0.43
N PRO A 43 6.37 2.00 -0.98
CA PRO A 43 5.79 1.56 -2.24
C PRO A 43 4.33 1.13 -2.06
N LYS A 44 4.06 0.57 -0.89
CA LYS A 44 2.72 0.10 -0.58
C LYS A 44 1.90 1.28 -0.02
N GLY A 45 2.58 2.12 0.74
CA GLY A 45 1.93 3.28 1.34
C GLY A 45 1.05 4.00 0.32
N PHE A 46 1.59 4.16 -0.88
CA PHE A 46 0.87 4.82 -1.94
C PHE A 46 -0.50 4.18 -2.18
N LEU A 47 -0.52 2.85 -2.08
CA LEU A 47 -1.75 2.10 -2.28
C LEU A 47 -2.52 2.05 -0.95
N LEU A 48 -1.78 2.22 0.13
CA LEU A 48 -2.38 2.19 1.46
C LEU A 48 -3.03 3.55 1.75
N ASN A 49 -2.49 4.58 1.12
CA ASN A 49 -3.00 5.92 1.29
C ASN A 49 -4.27 6.09 0.45
N ARG A 50 -4.31 5.37 -0.66
CA ARG A 50 -5.46 5.42 -1.55
C ARG A 50 -6.64 4.68 -0.94
N ALA A 51 -6.34 3.79 -0.01
CA ALA A 51 -7.36 3.00 0.65
C ALA A 51 -8.11 3.90 1.65
N VAL A 52 -7.39 4.89 2.16
CA VAL A 52 -7.97 5.81 3.12
C VAL A 52 -8.91 6.77 2.40
N GLN A 53 -8.33 7.51 1.45
CA GLN A 53 -9.10 8.48 0.69
C GLN A 53 -10.43 7.86 0.24
N TYR A 54 -10.37 6.58 -0.11
CA TYR A 54 -11.56 5.88 -0.55
C TYR A 54 -12.33 5.32 0.64
N ALA A 2 6.40 6.54 -12.49
CA ALA A 2 6.85 6.62 -11.11
C ALA A 2 5.86 7.47 -10.31
N SER A 3 4.60 7.34 -10.66
CA SER A 3 3.55 8.08 -9.98
C SER A 3 2.19 7.41 -10.23
N ARG A 4 1.76 7.48 -11.48
CA ARG A 4 0.48 6.89 -11.86
C ARG A 4 0.65 5.39 -12.16
N ARG A 5 1.54 5.11 -13.10
CA ARG A 5 1.80 3.73 -13.49
C ARG A 5 2.14 2.90 -12.26
N LEU A 6 2.77 3.55 -11.29
CA LEU A 6 3.15 2.88 -10.06
C LEU A 6 1.91 2.26 -9.40
N LEU A 7 0.96 3.12 -9.10
CA LEU A 7 -0.28 2.68 -8.47
C LEU A 7 -0.80 1.45 -9.22
N ALA A 8 -0.60 1.45 -10.53
CA ALA A 8 -1.05 0.35 -11.36
C ALA A 8 -0.32 -0.93 -10.94
N SER A 9 1.00 -0.91 -11.11
CA SER A 9 1.81 -2.05 -10.75
C SER A 9 1.63 -2.39 -9.27
N LEU A 10 1.38 -1.34 -8.48
CA LEU A 10 1.18 -1.51 -7.05
C LEU A 10 -0.09 -2.32 -6.81
N LEU A 11 -1.06 -2.14 -7.70
CA LEU A 11 -2.31 -2.84 -7.61
C LEU A 11 -2.14 -4.28 -8.10
N ARG A 12 -1.57 -4.40 -9.28
CA ARG A 12 -1.34 -5.70 -9.88
C ARG A 12 -0.63 -6.62 -8.88
N GLN A 13 0.47 -6.12 -8.35
CA GLN A 13 1.25 -6.88 -7.38
C GLN A 13 0.34 -7.39 -6.26
N SER A 14 -0.58 -6.54 -5.85
CA SER A 14 -1.51 -6.89 -4.79
C SER A 14 -2.58 -7.85 -5.33
N ALA A 15 -2.89 -7.68 -6.60
CA ALA A 15 -3.89 -8.51 -7.25
C ALA A 15 -3.43 -9.97 -7.21
N GLN A 16 -2.12 -10.15 -7.32
CA GLN A 16 -1.54 -11.48 -7.30
C GLN A 16 -1.31 -11.93 -5.86
N ARG A 17 -0.64 -11.07 -5.10
CA ARG A 17 -0.35 -11.39 -3.71
C ARG A 17 0.42 -12.70 -3.61
N GLY A 18 1.74 -12.58 -3.63
CA GLY A 18 2.61 -13.75 -3.54
C GLY A 18 3.10 -13.95 -2.11
N GLY A 19 3.71 -12.89 -1.57
CA GLY A 19 4.23 -12.95 -0.21
C GLY A 19 3.48 -11.98 0.70
N GLY A 20 3.46 -10.72 0.29
CA GLY A 20 2.77 -9.70 1.06
C GLY A 20 3.63 -8.44 1.17
N LEU A 21 4.27 -8.28 2.31
CA LEU A 21 5.11 -7.12 2.55
C LEU A 21 4.31 -5.84 2.29
N ILE A 22 2.99 -5.98 2.37
CA ILE A 22 2.11 -4.86 2.14
C ILE A 22 0.92 -4.94 3.10
N SER A 23 0.34 -6.13 3.17
CA SER A 23 -0.79 -6.35 4.03
C SER A 23 -0.32 -6.68 5.45
N ARG A 24 0.93 -7.08 5.55
CA ARG A 24 1.52 -7.42 6.83
C ARG A 24 2.24 -6.20 7.42
N SER A 25 3.15 -5.65 6.62
CA SER A 25 3.91 -4.49 7.06
C SER A 25 2.99 -3.29 7.22
N LEU A 26 2.82 -2.56 6.13
CA LEU A 26 1.96 -1.38 6.14
C LEU A 26 0.50 -1.82 6.01
N GLY A 27 0.09 -2.70 6.91
CA GLY A 27 -1.27 -3.20 6.89
C GLY A 27 -1.79 -3.40 8.32
N ASN A 28 -0.96 -4.03 9.14
CA ASN A 28 -1.32 -4.29 10.52
C ASN A 28 -1.77 -2.98 11.18
N SER A 29 -1.34 -1.88 10.58
CA SER A 29 -1.69 -0.56 11.10
C SER A 29 -1.36 0.51 10.05
N ILE A 30 -2.24 0.63 9.06
CA ILE A 30 -2.06 1.60 8.01
C ILE A 30 -2.11 3.00 8.61
N PRO A 31 -3.10 3.21 9.51
CA PRO A 31 -3.28 4.50 10.16
C PRO A 31 -2.21 4.72 11.23
N LYS A 32 -1.34 3.73 11.37
CA LYS A 32 -0.27 3.80 12.36
C LYS A 32 1.03 3.28 11.72
N SER A 33 1.02 3.22 10.40
CA SER A 33 2.18 2.74 9.67
C SER A 33 2.82 3.89 8.89
N ALA A 34 1.95 4.68 8.27
CA ALA A 34 2.41 5.83 7.49
C ALA A 34 3.14 6.81 8.40
N SER A 35 2.97 6.61 9.71
CA SER A 35 3.60 7.47 10.69
C SER A 35 4.92 6.85 11.16
N ARG A 36 5.17 5.63 10.69
CA ARG A 36 6.38 4.93 11.03
C ARG A 36 6.70 3.85 9.99
N ALA A 37 6.82 4.29 8.75
CA ALA A 37 7.11 3.39 7.66
C ALA A 37 8.46 3.77 7.03
N SER A 38 8.36 4.49 5.92
CA SER A 38 9.56 4.93 5.21
C SER A 38 10.31 3.72 4.66
N SER A 39 11.45 4.00 4.06
CA SER A 39 12.28 2.96 3.48
C SER A 39 11.83 2.65 2.05
N ARG A 40 10.56 2.28 1.92
CA ARG A 40 10.00 1.97 0.62
C ARG A 40 8.47 2.01 0.69
N ALA A 41 7.97 2.80 1.61
CA ALA A 41 6.54 2.94 1.78
C ALA A 41 6.05 4.20 1.07
N SER A 42 7.00 4.88 0.44
CA SER A 42 6.69 6.11 -0.28
C SER A 42 5.87 5.78 -1.53
N PRO A 43 6.44 4.89 -2.37
CA PRO A 43 5.78 4.47 -3.60
C PRO A 43 4.62 3.51 -3.31
N LYS A 44 4.77 2.78 -2.21
CA LYS A 44 3.76 1.82 -1.80
C LYS A 44 2.67 2.55 -0.99
N GLY A 45 3.07 3.66 -0.40
CA GLY A 45 2.16 4.45 0.41
C GLY A 45 1.01 4.99 -0.44
N PHE A 46 1.37 5.61 -1.55
CA PHE A 46 0.39 6.18 -2.46
C PHE A 46 -0.76 5.19 -2.70
N LEU A 47 -0.41 3.91 -2.69
CA LEU A 47 -1.40 2.87 -2.91
C LEU A 47 -2.10 2.55 -1.58
N LEU A 48 -1.34 2.68 -0.50
CA LEU A 48 -1.87 2.42 0.82
C LEU A 48 -2.81 3.55 1.24
N ASN A 49 -2.45 4.75 0.80
CA ASN A 49 -3.24 5.93 1.11
C ASN A 49 -4.64 5.78 0.50
N ARG A 50 -4.67 5.24 -0.72
CA ARG A 50 -5.91 5.03 -1.42
C ARG A 50 -6.80 4.04 -0.66
N ALA A 51 -6.15 3.04 -0.09
CA ALA A 51 -6.88 2.02 0.67
C ALA A 51 -7.74 2.71 1.72
N VAL A 52 -7.21 3.77 2.30
CA VAL A 52 -7.93 4.51 3.31
C VAL A 52 -8.86 5.53 2.64
N GLN A 53 -8.46 5.94 1.45
CA GLN A 53 -9.23 6.90 0.69
C GLN A 53 -10.66 6.38 0.48
N TYR A 54 -10.75 5.19 -0.09
CA TYR A 54 -12.03 4.57 -0.35
C TYR A 54 -13.02 4.86 0.79
N ALA A 2 2.77 9.95 -6.78
CA ALA A 2 3.78 9.00 -7.22
C ALA A 2 3.71 8.85 -8.74
N SER A 3 2.80 7.99 -9.17
CA SER A 3 2.61 7.76 -10.60
C SER A 3 1.48 6.75 -10.82
N ARG A 4 0.57 7.12 -11.71
CA ARG A 4 -0.56 6.27 -12.02
C ARG A 4 -0.09 4.84 -12.29
N ARG A 5 0.90 4.74 -13.16
CA ARG A 5 1.45 3.44 -13.52
C ARG A 5 2.00 2.73 -12.29
N LEU A 6 2.63 3.52 -11.42
CA LEU A 6 3.20 2.99 -10.19
C LEU A 6 2.08 2.40 -9.33
N LEU A 7 1.06 3.20 -9.12
CA LEU A 7 -0.08 2.78 -8.31
C LEU A 7 -0.60 1.44 -8.85
N ALA A 8 -0.73 1.38 -10.16
CA ALA A 8 -1.21 0.17 -10.81
C ALA A 8 -0.31 -1.01 -10.42
N SER A 9 0.97 -0.86 -10.74
CA SER A 9 1.94 -1.90 -10.43
C SER A 9 1.82 -2.30 -8.96
N LEU A 10 1.28 -1.39 -8.17
CA LEU A 10 1.11 -1.64 -6.75
C LEU A 10 -0.16 -2.47 -6.53
N LEU A 11 -1.13 -2.24 -7.40
CA LEU A 11 -2.39 -2.95 -7.31
C LEU A 11 -2.24 -4.33 -7.94
N ARG A 12 -1.65 -4.35 -9.14
CA ARG A 12 -1.43 -5.60 -9.85
C ARG A 12 -0.67 -6.58 -8.97
N GLN A 13 0.43 -6.11 -8.42
CA GLN A 13 1.26 -6.93 -7.56
C GLN A 13 0.41 -7.63 -6.50
N SER A 14 -0.51 -6.86 -5.93
CA SER A 14 -1.39 -7.38 -4.90
C SER A 14 -2.47 -8.26 -5.55
N ALA A 15 -2.80 -7.93 -6.79
CA ALA A 15 -3.82 -8.68 -7.52
C ALA A 15 -3.33 -10.12 -7.71
N GLN A 16 -2.03 -10.25 -7.85
CA GLN A 16 -1.42 -11.57 -8.04
C GLN A 16 -1.19 -12.24 -6.68
N ARG A 17 -0.51 -11.51 -5.81
CA ARG A 17 -0.21 -12.01 -4.47
C ARG A 17 -1.43 -12.73 -3.90
N GLY A 18 -2.58 -12.13 -4.10
CA GLY A 18 -3.82 -12.70 -3.60
C GLY A 18 -3.99 -12.44 -2.10
N GLY A 19 -2.96 -12.80 -1.35
CA GLY A 19 -2.98 -12.60 0.08
C GLY A 19 -2.94 -11.11 0.44
N GLY A 20 -1.88 -10.46 0.01
CA GLY A 20 -1.72 -9.04 0.27
C GLY A 20 -1.21 -8.80 1.69
N LEU A 21 0.10 -8.76 1.82
CA LEU A 21 0.72 -8.53 3.12
C LEU A 21 0.64 -7.04 3.46
N ILE A 22 1.16 -6.23 2.56
CA ILE A 22 1.16 -4.78 2.76
C ILE A 22 -0.28 -4.31 2.98
N SER A 23 -1.22 -5.15 2.58
CA SER A 23 -2.63 -4.83 2.72
C SER A 23 -2.92 -4.45 4.17
N ARG A 24 -2.62 -5.38 5.07
CA ARG A 24 -2.84 -5.14 6.49
C ARG A 24 -1.53 -4.78 7.19
N SER A 25 -0.46 -5.37 6.69
CA SER A 25 0.86 -5.13 7.26
C SER A 25 1.14 -3.63 7.30
N LEU A 26 1.67 -3.13 6.19
CA LEU A 26 1.99 -1.72 6.09
C LEU A 26 0.71 -0.94 5.78
N GLY A 27 -0.28 -1.13 6.63
CA GLY A 27 -1.56 -0.44 6.46
C GLY A 27 -2.12 0.01 7.81
N ASN A 28 -2.05 -0.90 8.78
CA ASN A 28 -2.55 -0.61 10.11
C ASN A 28 -2.07 0.79 10.53
N SER A 29 -0.95 1.20 9.96
CA SER A 29 -0.39 2.50 10.27
C SER A 29 -0.47 3.41 9.04
N ILE A 30 -1.65 3.45 8.45
CA ILE A 30 -1.88 4.28 7.27
C ILE A 30 -2.04 5.73 7.70
N PRO A 31 -2.99 5.95 8.65
CA PRO A 31 -3.25 7.30 9.16
C PRO A 31 -2.13 7.75 10.10
N LYS A 32 -1.28 6.80 10.46
CA LYS A 32 -0.18 7.09 11.36
C LYS A 32 0.95 7.77 10.57
N SER A 33 0.68 8.01 9.30
CA SER A 33 1.65 8.65 8.43
C SER A 33 2.81 7.70 8.14
N ALA A 34 2.48 6.42 8.07
CA ALA A 34 3.48 5.39 7.80
C ALA A 34 4.61 5.53 8.80
N SER A 35 4.28 6.06 9.98
CA SER A 35 5.26 6.24 11.03
C SER A 35 6.21 5.04 11.07
N ARG A 36 5.65 3.87 10.79
CA ARG A 36 6.43 2.65 10.79
C ARG A 36 6.61 2.13 9.36
N ALA A 37 7.31 2.92 8.56
CA ALA A 37 7.57 2.55 7.18
C ALA A 37 8.00 3.78 6.40
N SER A 38 9.29 3.81 6.06
CA SER A 38 9.84 4.93 5.32
C SER A 38 10.65 4.40 4.13
N SER A 39 10.43 5.04 2.98
CA SER A 39 11.12 4.66 1.77
C SER A 39 10.39 3.49 1.09
N ARG A 40 10.07 2.49 1.89
CA ARG A 40 9.37 1.32 1.38
C ARG A 40 7.87 1.60 1.26
N ALA A 41 7.41 2.53 2.10
CA ALA A 41 6.01 2.90 2.09
C ALA A 41 5.81 4.11 1.18
N SER A 42 6.85 4.40 0.41
CA SER A 42 6.80 5.53 -0.51
C SER A 42 6.07 5.13 -1.80
N PRO A 43 6.53 3.99 -2.39
CA PRO A 43 5.94 3.49 -3.61
C PRO A 43 4.58 2.83 -3.34
N LYS A 44 4.48 2.21 -2.17
CA LYS A 44 3.25 1.55 -1.78
C LYS A 44 2.32 2.57 -1.12
N GLY A 45 2.92 3.48 -0.37
CA GLY A 45 2.15 4.52 0.30
C GLY A 45 0.99 5.01 -0.57
N PHE A 46 1.35 5.47 -1.75
CA PHE A 46 0.35 5.97 -2.69
C PHE A 46 -0.86 5.03 -2.76
N LEU A 47 -0.56 3.74 -2.71
CA LEU A 47 -1.61 2.73 -2.76
C LEU A 47 -2.27 2.61 -1.39
N LEU A 48 -1.47 2.86 -0.36
CA LEU A 48 -1.96 2.78 1.00
C LEU A 48 -2.87 3.98 1.28
N ASN A 49 -2.48 5.11 0.72
CA ASN A 49 -3.25 6.34 0.90
C ASN A 49 -4.64 6.15 0.29
N ARG A 50 -4.69 5.43 -0.82
CA ARG A 50 -5.94 5.18 -1.50
C ARG A 50 -6.82 4.24 -0.67
N ALA A 51 -6.16 3.36 0.06
CA ALA A 51 -6.86 2.40 0.91
C ALA A 51 -7.71 3.17 1.93
N VAL A 52 -7.18 4.29 2.36
CA VAL A 52 -7.87 5.12 3.34
C VAL A 52 -8.84 6.05 2.62
N GLN A 53 -8.49 6.39 1.38
CA GLN A 53 -9.32 7.26 0.58
C GLN A 53 -10.70 6.64 0.37
N TYR A 54 -10.70 5.37 -0.02
CA TYR A 54 -11.94 4.65 -0.25
C TYR A 54 -12.49 4.07 1.05
N ALA A 2 1.78 10.74 -8.25
CA ALA A 2 3.10 10.14 -8.19
C ALA A 2 3.42 9.49 -9.54
N SER A 3 2.64 8.47 -9.87
CA SER A 3 2.83 7.76 -11.12
C SER A 3 1.68 6.77 -11.34
N ARG A 4 0.95 6.98 -12.42
CA ARG A 4 -0.18 6.12 -12.74
C ARG A 4 0.30 4.66 -12.88
N ARG A 5 1.41 4.51 -13.57
CA ARG A 5 1.98 3.18 -13.78
C ARG A 5 2.37 2.55 -12.44
N LEU A 6 2.89 3.38 -11.56
CA LEU A 6 3.30 2.93 -10.25
C LEU A 6 2.07 2.47 -9.46
N LEU A 7 1.12 3.39 -9.34
CA LEU A 7 -0.11 3.08 -8.62
C LEU A 7 -0.77 1.85 -9.22
N ALA A 8 -0.46 1.62 -10.50
CA ALA A 8 -1.02 0.48 -11.20
C ALA A 8 -0.24 -0.78 -10.82
N SER A 9 1.06 -0.71 -11.01
CA SER A 9 1.92 -1.83 -10.70
C SER A 9 1.77 -2.21 -9.22
N LEU A 10 1.37 -1.23 -8.43
CA LEU A 10 1.19 -1.43 -7.00
C LEU A 10 -0.10 -2.22 -6.77
N LEU A 11 -1.05 -2.03 -7.68
CA LEU A 11 -2.33 -2.71 -7.60
C LEU A 11 -2.17 -4.15 -8.11
N ARG A 12 -1.50 -4.27 -9.24
CA ARG A 12 -1.28 -5.57 -9.84
C ARG A 12 -0.62 -6.51 -8.84
N GLN A 13 0.29 -5.94 -8.04
CA GLN A 13 1.00 -6.72 -7.04
C GLN A 13 0.04 -7.12 -5.91
N SER A 14 -0.88 -6.22 -5.62
CA SER A 14 -1.85 -6.46 -4.56
C SER A 14 -2.95 -7.41 -5.07
N ALA A 15 -3.24 -7.29 -6.36
CA ALA A 15 -4.25 -8.12 -6.98
C ALA A 15 -3.77 -9.57 -7.02
N GLN A 16 -2.55 -9.74 -7.50
CA GLN A 16 -1.96 -11.07 -7.59
C GLN A 16 -1.67 -11.62 -6.19
N ARG A 17 -1.72 -10.73 -5.22
CA ARG A 17 -1.46 -11.11 -3.84
C ARG A 17 -2.42 -10.37 -2.90
N GLY A 18 -3.69 -10.74 -2.99
CA GLY A 18 -4.71 -10.12 -2.15
C GLY A 18 -4.19 -9.91 -0.73
N GLY A 19 -3.40 -10.87 -0.27
CA GLY A 19 -2.84 -10.79 1.06
C GLY A 19 -2.25 -9.41 1.34
N GLY A 20 -1.04 -9.20 0.82
CA GLY A 20 -0.36 -7.93 0.99
C GLY A 20 -0.01 -7.70 2.47
N LEU A 21 1.27 -7.80 2.76
CA LEU A 21 1.75 -7.60 4.12
C LEU A 21 1.72 -6.11 4.46
N ILE A 22 2.15 -5.31 3.50
CA ILE A 22 2.18 -3.87 3.67
C ILE A 22 0.74 -3.34 3.69
N SER A 23 -0.19 -4.22 3.33
CA SER A 23 -1.59 -3.85 3.31
C SER A 23 -2.09 -3.59 4.73
N ARG A 24 -1.35 -4.12 5.69
CA ARG A 24 -1.70 -3.95 7.10
C ARG A 24 -0.51 -3.41 7.88
N SER A 25 0.60 -4.13 7.79
CA SER A 25 1.80 -3.74 8.50
C SER A 25 2.09 -2.25 8.25
N LEU A 26 1.94 -1.85 7.01
CA LEU A 26 2.17 -0.47 6.62
C LEU A 26 0.90 0.35 6.88
N GLY A 27 -0.22 -0.37 6.90
CA GLY A 27 -1.51 0.28 7.12
C GLY A 27 -1.77 0.49 8.62
N ASN A 28 -0.72 0.28 9.40
CA ASN A 28 -0.81 0.44 10.84
C ASN A 28 -0.98 1.92 11.17
N SER A 29 -0.65 2.76 10.19
CA SER A 29 -0.76 4.20 10.36
C SER A 29 -1.15 4.85 9.04
N ILE A 30 -2.32 4.45 8.54
CA ILE A 30 -2.82 5.00 7.30
C ILE A 30 -3.51 6.33 7.57
N PRO A 31 -4.44 6.32 8.54
CA PRO A 31 -5.17 7.52 8.90
C PRO A 31 -4.29 8.47 9.72
N LYS A 32 -3.06 8.04 9.93
CA LYS A 32 -2.11 8.85 10.69
C LYS A 32 -1.31 9.73 9.73
N SER A 33 -1.81 9.81 8.51
CA SER A 33 -1.15 10.62 7.49
C SER A 33 0.19 9.99 7.12
N ALA A 34 0.18 8.67 6.98
CA ALA A 34 1.38 7.95 6.63
C ALA A 34 2.47 8.21 7.68
N SER A 35 2.03 8.26 8.93
CA SER A 35 2.94 8.50 10.04
C SER A 35 4.26 7.76 9.79
N ARG A 36 4.15 6.59 9.18
CA ARG A 36 5.31 5.78 8.87
C ARG A 36 5.41 5.52 7.37
N ALA A 37 5.78 6.56 6.65
CA ALA A 37 5.92 6.45 5.21
C ALA A 37 7.40 6.48 4.83
N SER A 38 8.11 5.46 5.28
CA SER A 38 9.53 5.35 5.01
C SER A 38 9.77 5.32 3.50
N SER A 39 11.02 5.11 3.13
CA SER A 39 11.39 5.05 1.72
C SER A 39 10.71 3.84 1.06
N ARG A 40 10.40 2.85 1.88
CA ARG A 40 9.74 1.65 1.38
C ARG A 40 8.22 1.80 1.47
N ALA A 41 7.80 3.01 1.82
CA ALA A 41 6.38 3.29 1.93
C ALA A 41 5.99 4.35 0.90
N SER A 42 6.97 4.74 0.10
CA SER A 42 6.74 5.74 -0.93
C SER A 42 5.93 5.13 -2.09
N PRO A 43 6.43 3.96 -2.58
CA PRO A 43 5.77 3.26 -3.67
C PRO A 43 4.51 2.56 -3.19
N LYS A 44 4.56 2.09 -1.95
CA LYS A 44 3.43 1.41 -1.36
C LYS A 44 2.47 2.43 -0.76
N GLY A 45 3.03 3.58 -0.40
CA GLY A 45 2.23 4.64 0.19
C GLY A 45 1.05 5.01 -0.72
N PHE A 46 1.36 5.17 -2.00
CA PHE A 46 0.33 5.53 -2.97
C PHE A 46 -0.85 4.55 -2.89
N LEU A 47 -0.52 3.28 -2.73
CA LEU A 47 -1.54 2.25 -2.64
C LEU A 47 -2.03 2.15 -1.20
N LEU A 48 -1.24 2.72 -0.30
CA LEU A 48 -1.58 2.70 1.11
C LEU A 48 -2.53 3.87 1.42
N ASN A 49 -2.36 4.94 0.66
CA ASN A 49 -3.19 6.12 0.84
C ASN A 49 -4.52 5.92 0.12
N ARG A 50 -4.47 5.17 -0.97
CA ARG A 50 -5.66 4.90 -1.76
C ARG A 50 -6.54 3.86 -1.04
N ALA A 51 -5.97 3.25 -0.02
CA ALA A 51 -6.68 2.26 0.75
C ALA A 51 -7.63 2.95 1.73
N VAL A 52 -7.16 4.07 2.27
CA VAL A 52 -7.94 4.83 3.21
C VAL A 52 -9.10 5.52 2.48
N GLN A 53 -8.73 6.33 1.50
CA GLN A 53 -9.71 7.05 0.70
C GLN A 53 -10.91 6.15 0.41
N TYR A 54 -10.60 4.91 0.06
CA TYR A 54 -11.65 3.94 -0.25
C TYR A 54 -12.18 3.27 1.03
N ALA A 2 2.63 6.76 -6.53
CA ALA A 2 3.42 7.84 -7.09
C ALA A 2 2.82 8.27 -8.43
N SER A 3 2.71 7.31 -9.33
CA SER A 3 2.16 7.58 -10.65
C SER A 3 1.03 6.59 -10.94
N ARG A 4 0.20 6.96 -11.91
CA ARG A 4 -0.92 6.12 -12.30
C ARG A 4 -0.46 4.67 -12.46
N ARG A 5 0.36 4.44 -13.48
CA ARG A 5 0.87 3.11 -13.75
C ARG A 5 1.41 2.49 -12.46
N LEU A 6 2.06 3.32 -11.66
CA LEU A 6 2.63 2.86 -10.41
C LEU A 6 1.55 2.17 -9.57
N LEU A 7 0.71 2.98 -8.96
CA LEU A 7 -0.37 2.46 -8.14
C LEU A 7 -1.02 1.27 -8.86
N ALA A 8 -0.96 1.31 -10.18
CA ALA A 8 -1.53 0.26 -10.99
C ALA A 8 -0.69 -1.01 -10.84
N SER A 9 0.59 -0.87 -11.18
CA SER A 9 1.52 -2.00 -11.10
C SER A 9 1.61 -2.48 -9.65
N LEU A 10 1.30 -1.58 -8.73
CA LEU A 10 1.33 -1.91 -7.31
C LEU A 10 0.18 -2.84 -6.98
N LEU A 11 -0.88 -2.72 -7.77
CA LEU A 11 -2.06 -3.55 -7.56
C LEU A 11 -1.86 -4.89 -8.25
N ARG A 12 -1.39 -4.82 -9.49
CA ARG A 12 -1.14 -6.02 -10.26
C ARG A 12 -0.17 -6.95 -9.53
N GLN A 13 0.80 -6.33 -8.86
CA GLN A 13 1.79 -7.08 -8.13
C GLN A 13 1.18 -7.69 -6.86
N SER A 14 0.22 -6.95 -6.30
CA SER A 14 -0.46 -7.40 -5.10
C SER A 14 -1.50 -8.47 -5.44
N ALA A 15 -2.08 -8.32 -6.62
CA ALA A 15 -3.10 -9.26 -7.08
C ALA A 15 -2.43 -10.59 -7.41
N GLN A 16 -1.29 -10.49 -8.08
CA GLN A 16 -0.53 -11.68 -8.47
C GLN A 16 0.18 -12.27 -7.26
N ARG A 17 0.20 -11.49 -6.19
CA ARG A 17 0.86 -11.93 -4.96
C ARG A 17 0.25 -13.25 -4.48
N GLY A 18 -1.05 -13.39 -4.73
CA GLY A 18 -1.76 -14.58 -4.32
C GLY A 18 -2.09 -14.55 -2.82
N GLY A 19 -1.05 -14.31 -2.03
CA GLY A 19 -1.22 -14.26 -0.59
C GLY A 19 -2.12 -13.09 -0.18
N GLY A 20 -1.69 -11.89 -0.55
CA GLY A 20 -2.44 -10.69 -0.25
C GLY A 20 -1.53 -9.47 -0.18
N LEU A 21 -1.04 -9.19 1.03
CA LEU A 21 -0.15 -8.06 1.23
C LEU A 21 -0.94 -6.76 0.99
N ILE A 22 -2.23 -6.85 1.19
CA ILE A 22 -3.10 -5.69 1.00
C ILE A 22 -4.41 -5.92 1.76
N SER A 23 -4.95 -7.12 1.61
CA SER A 23 -6.20 -7.48 2.27
C SER A 23 -6.23 -6.88 3.68
N ARG A 24 -5.27 -7.31 4.49
CA ARG A 24 -5.18 -6.83 5.86
C ARG A 24 -3.75 -7.01 6.38
N SER A 25 -2.81 -7.00 5.46
CA SER A 25 -1.40 -7.15 5.82
C SER A 25 -0.88 -5.86 6.43
N LEU A 26 -0.25 -5.04 5.59
CA LEU A 26 0.30 -3.78 6.05
C LEU A 26 -0.81 -2.71 6.05
N GLY A 27 -2.02 -3.17 5.79
CA GLY A 27 -3.16 -2.28 5.75
C GLY A 27 -3.75 -2.09 7.15
N ASN A 28 -3.74 -3.17 7.91
CA ASN A 28 -4.27 -3.14 9.27
C ASN A 28 -3.81 -1.85 9.96
N SER A 29 -2.67 -1.36 9.51
CA SER A 29 -2.11 -0.14 10.07
C SER A 29 -1.22 0.56 9.05
N ILE A 30 -1.86 1.34 8.19
CA ILE A 30 -1.14 2.06 7.15
C ILE A 30 -0.43 3.26 7.77
N PRO A 31 -1.15 3.91 8.73
CA PRO A 31 -0.59 5.07 9.41
C PRO A 31 0.47 4.66 10.43
N LYS A 32 0.53 3.36 10.68
CA LYS A 32 1.49 2.82 11.63
C LYS A 32 2.52 1.97 10.88
N SER A 33 2.32 1.87 9.57
CA SER A 33 3.21 1.10 8.74
C SER A 33 4.37 1.97 8.24
N ALA A 34 4.06 3.23 8.02
CA ALA A 34 5.06 4.19 7.55
C ALA A 34 6.18 4.29 8.59
N SER A 35 5.89 3.79 9.79
CA SER A 35 6.87 3.81 10.86
C SER A 35 7.68 2.52 10.85
N ARG A 36 7.08 1.47 10.31
CA ARG A 36 7.74 0.18 10.24
C ARG A 36 7.88 -0.26 8.78
N ALA A 37 8.59 0.55 8.01
CA ALA A 37 8.79 0.25 6.60
C ALA A 37 9.73 1.30 6.00
N SER A 38 9.12 2.31 5.37
CA SER A 38 9.89 3.37 4.75
C SER A 38 10.74 2.81 3.61
N SER A 39 10.12 1.94 2.84
CA SER A 39 10.79 1.33 1.71
C SER A 39 9.86 0.36 0.98
N ARG A 40 9.09 -0.37 1.78
CA ARG A 40 8.15 -1.33 1.23
C ARG A 40 6.72 -0.75 1.26
N ALA A 41 6.48 0.07 2.27
CA ALA A 41 5.18 0.70 2.43
C ALA A 41 5.19 2.06 1.74
N SER A 42 6.34 2.40 1.18
CA SER A 42 6.49 3.68 0.48
C SER A 42 5.77 3.62 -0.87
N PRO A 43 6.09 2.56 -1.65
CA PRO A 43 5.49 2.38 -2.96
C PRO A 43 4.04 1.90 -2.83
N LYS A 44 3.80 1.13 -1.79
CA LYS A 44 2.46 0.59 -1.54
C LYS A 44 1.65 1.62 -0.76
N GLY A 45 2.34 2.38 0.07
CA GLY A 45 1.69 3.40 0.88
C GLY A 45 0.72 4.24 0.03
N PHE A 46 1.26 4.78 -1.06
CA PHE A 46 0.46 5.59 -1.95
C PHE A 46 -0.89 4.94 -2.23
N LEU A 47 -0.87 3.61 -2.27
CA LEU A 47 -2.09 2.85 -2.52
C LEU A 47 -2.88 2.72 -1.22
N LEU A 48 -2.14 2.60 -0.12
CA LEU A 48 -2.77 2.46 1.19
C LEU A 48 -3.42 3.78 1.58
N ASN A 49 -2.75 4.87 1.22
CA ASN A 49 -3.26 6.19 1.53
C ASN A 49 -4.62 6.38 0.87
N ARG A 50 -4.72 5.95 -0.38
CA ARG A 50 -5.95 6.06 -1.12
C ARG A 50 -7.02 5.15 -0.51
N ALA A 51 -6.56 4.09 0.14
CA ALA A 51 -7.47 3.15 0.77
C ALA A 51 -8.27 3.86 1.86
N VAL A 52 -7.59 4.77 2.55
CA VAL A 52 -8.22 5.52 3.62
C VAL A 52 -8.92 6.75 3.03
N GLN A 53 -8.41 7.18 1.88
CA GLN A 53 -8.97 8.34 1.20
C GLN A 53 -10.41 8.05 0.78
N TYR A 54 -10.57 6.96 0.03
CA TYR A 54 -11.89 6.57 -0.45
C TYR A 54 -12.62 5.74 0.61
N ALA A 2 -2.56 10.70 -6.85
CA ALA A 2 -1.24 10.24 -7.23
C ALA A 2 -1.30 9.65 -8.64
N SER A 3 -0.42 8.70 -8.89
CA SER A 3 -0.36 8.05 -10.19
C SER A 3 -1.16 6.74 -10.16
N ARG A 4 -2.43 6.85 -10.52
CA ARG A 4 -3.31 5.70 -10.53
C ARG A 4 -2.60 4.51 -11.19
N ARG A 5 -1.85 4.81 -12.23
CA ARG A 5 -1.12 3.79 -12.95
C ARG A 5 -0.04 3.16 -12.05
N LEU A 6 0.62 4.02 -11.30
CA LEU A 6 1.67 3.58 -10.39
C LEU A 6 1.04 2.73 -9.27
N LEU A 7 0.12 3.35 -8.55
CA LEU A 7 -0.55 2.68 -7.46
C LEU A 7 -1.29 1.45 -8.00
N ALA A 8 -1.49 1.46 -9.31
CA ALA A 8 -2.18 0.36 -9.96
C ALA A 8 -1.23 -0.82 -10.10
N SER A 9 -0.13 -0.58 -10.80
CA SER A 9 0.86 -1.62 -11.01
C SER A 9 1.23 -2.27 -9.67
N LEU A 10 1.15 -1.47 -8.63
CA LEU A 10 1.48 -1.95 -7.29
C LEU A 10 0.32 -2.79 -6.76
N LEU A 11 -0.88 -2.46 -7.24
CA LEU A 11 -2.07 -3.17 -6.81
C LEU A 11 -2.23 -4.43 -7.67
N ARG A 12 -2.22 -4.23 -8.98
CA ARG A 12 -2.36 -5.33 -9.91
C ARG A 12 -1.41 -6.47 -9.55
N GLN A 13 -0.35 -6.09 -8.83
CA GLN A 13 0.64 -7.07 -8.41
C GLN A 13 0.20 -7.75 -7.11
N SER A 14 -0.34 -6.93 -6.21
CA SER A 14 -0.81 -7.43 -4.93
C SER A 14 -2.10 -8.23 -5.11
N ALA A 15 -2.83 -7.89 -6.17
CA ALA A 15 -4.08 -8.56 -6.47
C ALA A 15 -3.80 -10.02 -6.82
N GLN A 16 -2.63 -10.24 -7.40
CA GLN A 16 -2.24 -11.58 -7.80
C GLN A 16 -1.58 -12.31 -6.62
N ARG A 17 -0.69 -11.59 -5.94
CA ARG A 17 0.00 -12.16 -4.80
C ARG A 17 -0.95 -13.04 -3.99
N GLY A 18 -2.22 -12.65 -4.00
CA GLY A 18 -3.22 -13.40 -3.26
C GLY A 18 -3.17 -13.07 -1.77
N GLY A 19 -1.98 -13.22 -1.21
CA GLY A 19 -1.78 -12.95 0.20
C GLY A 19 -1.90 -11.45 0.49
N GLY A 20 -0.97 -10.69 -0.06
CA GLY A 20 -0.97 -9.25 0.12
C GLY A 20 -0.48 -8.89 1.53
N LEU A 21 0.70 -8.29 1.57
CA LEU A 21 1.29 -7.89 2.84
C LEU A 21 0.52 -6.70 3.40
N ILE A 22 0.65 -5.57 2.71
CA ILE A 22 -0.02 -4.35 3.13
C ILE A 22 -1.51 -4.65 3.33
N SER A 23 -1.97 -5.72 2.68
CA SER A 23 -3.36 -6.11 2.77
C SER A 23 -3.79 -6.19 4.24
N ARG A 24 -2.80 -6.35 5.10
CA ARG A 24 -3.05 -6.43 6.53
C ARG A 24 -1.89 -5.82 7.31
N SER A 25 -0.69 -6.18 6.91
CA SER A 25 0.50 -5.68 7.57
C SER A 25 0.35 -4.17 7.83
N LEU A 26 0.78 -3.38 6.86
CA LEU A 26 0.70 -1.94 6.98
C LEU A 26 -0.77 -1.51 6.91
N GLY A 27 -1.56 -2.34 6.26
CA GLY A 27 -2.98 -2.05 6.10
C GLY A 27 -3.67 -1.98 7.45
N ASN A 28 -3.06 -2.63 8.43
CA ASN A 28 -3.60 -2.66 9.78
C ASN A 28 -3.12 -1.42 10.55
N SER A 29 -2.09 -0.79 9.99
CA SER A 29 -1.52 0.40 10.60
C SER A 29 -2.18 1.65 10.03
N ILE A 30 -2.95 1.45 8.97
CA ILE A 30 -3.65 2.54 8.32
C ILE A 30 -4.74 3.08 9.26
N PRO A 31 -5.61 2.14 9.73
CA PRO A 31 -6.69 2.51 10.62
C PRO A 31 -6.17 2.77 12.03
N LYS A 32 -4.90 2.43 12.24
CA LYS A 32 -4.27 2.63 13.53
C LYS A 32 -3.79 4.07 13.65
N SER A 33 -4.14 4.86 12.63
CA SER A 33 -3.75 6.26 12.61
C SER A 33 -2.24 6.38 12.39
N ALA A 34 -1.71 5.46 11.61
CA ALA A 34 -0.29 5.44 11.32
C ALA A 34 0.48 4.99 12.56
N SER A 35 0.01 3.91 13.15
CA SER A 35 0.63 3.37 14.34
C SER A 35 2.16 3.57 14.27
N ARG A 36 2.74 3.04 13.21
CA ARG A 36 4.17 3.15 13.00
C ARG A 36 4.47 4.01 11.78
N ALA A 37 4.35 3.40 10.62
CA ALA A 37 4.60 4.10 9.37
C ALA A 37 5.90 4.90 9.50
N SER A 38 7.01 4.20 9.32
CA SER A 38 8.32 4.83 9.41
C SER A 38 9.07 4.64 8.09
N SER A 39 10.40 4.58 8.21
CA SER A 39 11.25 4.40 7.04
C SER A 39 10.90 3.10 6.33
N ARG A 40 9.86 3.16 5.51
CA ARG A 40 9.42 1.99 4.77
C ARG A 40 7.98 2.17 4.30
N ALA A 41 7.23 2.94 5.07
CA ALA A 41 5.84 3.20 4.75
C ALA A 41 5.75 4.50 3.93
N SER A 42 6.91 5.02 3.58
CA SER A 42 6.97 6.25 2.80
C SER A 42 6.66 5.96 1.33
N PRO A 43 7.38 4.95 0.78
CA PRO A 43 7.18 4.57 -0.62
C PRO A 43 5.88 3.78 -0.79
N LYS A 44 5.55 3.03 0.26
CA LYS A 44 4.34 2.22 0.23
C LYS A 44 3.15 3.07 0.68
N GLY A 45 3.44 3.99 1.59
CA GLY A 45 2.41 4.88 2.11
C GLY A 45 1.52 5.41 0.98
N PHE A 46 2.18 5.98 -0.03
CA PHE A 46 1.47 6.53 -1.16
C PHE A 46 0.40 5.56 -1.67
N LEU A 47 0.75 4.28 -1.65
CA LEU A 47 -0.15 3.24 -2.10
C LEU A 47 -1.09 2.86 -0.95
N LEU A 48 -0.62 3.11 0.26
CA LEU A 48 -1.40 2.78 1.45
C LEU A 48 -2.50 3.84 1.63
N ASN A 49 -2.17 5.06 1.25
CA ASN A 49 -3.12 6.16 1.36
C ASN A 49 -4.23 5.97 0.34
N ARG A 50 -3.85 5.46 -0.83
CA ARG A 50 -4.79 5.22 -1.90
C ARG A 50 -5.75 4.08 -1.53
N ALA A 51 -5.29 3.25 -0.60
CA ALA A 51 -6.09 2.13 -0.15
C ALA A 51 -7.35 2.64 0.55
N VAL A 52 -7.17 3.72 1.30
CA VAL A 52 -8.27 4.32 2.03
C VAL A 52 -9.06 5.24 1.09
N GLN A 53 -8.33 5.84 0.17
CA GLN A 53 -8.93 6.75 -0.80
C GLN A 53 -10.16 6.11 -1.43
N TYR A 54 -9.99 4.87 -1.86
CA TYR A 54 -11.07 4.13 -2.48
C TYR A 54 -11.96 3.48 -1.42
N ALA A 2 6.08 9.95 -13.46
CA ALA A 2 6.01 8.59 -12.95
C ALA A 2 4.90 8.50 -11.90
N SER A 3 3.67 8.71 -12.34
CA SER A 3 2.53 8.66 -11.45
C SER A 3 1.33 8.05 -12.16
N ARG A 4 0.35 7.64 -11.37
CA ARG A 4 -0.85 7.04 -11.91
C ARG A 4 -0.57 5.60 -12.37
N ARG A 5 0.40 5.48 -13.27
CA ARG A 5 0.78 4.18 -13.78
C ARG A 5 1.34 3.30 -12.65
N LEU A 6 1.97 3.96 -11.69
CA LEU A 6 2.54 3.25 -10.56
C LEU A 6 1.41 2.63 -9.73
N LEU A 7 0.23 3.20 -9.87
CA LEU A 7 -0.92 2.71 -9.14
C LEU A 7 -1.34 1.35 -9.69
N ALA A 8 -1.00 1.12 -10.95
CA ALA A 8 -1.31 -0.13 -11.61
C ALA A 8 -0.41 -1.24 -11.05
N SER A 9 0.88 -1.06 -11.26
CA SER A 9 1.85 -2.03 -10.79
C SER A 9 1.64 -2.30 -9.30
N LEU A 10 1.21 -1.26 -8.60
CA LEU A 10 0.96 -1.37 -7.17
C LEU A 10 -0.23 -2.27 -6.93
N LEU A 11 -1.19 -2.20 -7.84
CA LEU A 11 -2.39 -3.02 -7.75
C LEU A 11 -2.06 -4.46 -8.11
N ARG A 12 -1.44 -4.62 -9.27
CA ARG A 12 -1.06 -5.94 -9.74
C ARG A 12 -0.22 -6.66 -8.68
N GLN A 13 0.86 -6.00 -8.29
CA GLN A 13 1.75 -6.57 -7.29
C GLN A 13 0.95 -7.03 -6.06
N SER A 14 -0.19 -6.39 -5.86
CA SER A 14 -1.05 -6.72 -4.75
C SER A 14 -2.12 -7.71 -5.18
N ALA A 15 -2.39 -7.71 -6.48
CA ALA A 15 -3.39 -8.61 -7.04
C ALA A 15 -2.82 -10.03 -7.09
N GLN A 16 -1.58 -10.11 -7.56
CA GLN A 16 -0.90 -11.40 -7.68
C GLN A 16 -0.80 -12.07 -6.31
N ARG A 17 -0.96 -11.25 -5.27
CA ARG A 17 -0.88 -11.74 -3.91
C ARG A 17 -2.20 -11.51 -3.19
N GLY A 18 -3.28 -11.95 -3.82
CA GLY A 18 -4.61 -11.80 -3.26
C GLY A 18 -4.65 -12.31 -1.82
N GLY A 19 -3.70 -13.17 -1.50
CA GLY A 19 -3.61 -13.74 -0.18
C GLY A 19 -3.99 -12.72 0.89
N GLY A 20 -3.30 -11.59 0.85
CA GLY A 20 -3.56 -10.52 1.81
C GLY A 20 -2.28 -9.76 2.13
N LEU A 21 -1.90 -9.80 3.40
CA LEU A 21 -0.71 -9.11 3.86
C LEU A 21 -0.81 -7.62 3.50
N ILE A 22 -2.04 -7.16 3.38
CA ILE A 22 -2.29 -5.76 3.06
C ILE A 22 -3.61 -5.32 3.67
N SER A 23 -4.62 -6.17 3.52
CA SER A 23 -5.94 -5.88 4.05
C SER A 23 -5.80 -5.16 5.39
N ARG A 24 -5.41 -5.93 6.41
CA ARG A 24 -5.24 -5.38 7.74
C ARG A 24 -3.80 -5.59 8.23
N SER A 25 -2.91 -5.80 7.27
CA SER A 25 -1.51 -6.03 7.58
C SER A 25 -0.79 -4.68 7.73
N LEU A 26 -0.40 -4.13 6.59
CA LEU A 26 0.29 -2.85 6.58
C LEU A 26 -0.72 -1.72 6.80
N GLY A 27 -1.99 -2.07 6.65
CA GLY A 27 -3.06 -1.10 6.83
C GLY A 27 -3.34 -0.86 8.31
N ASN A 28 -2.52 -1.48 9.15
CA ASN A 28 -2.67 -1.35 10.58
C ASN A 28 -2.46 0.11 10.97
N SER A 29 -1.58 0.77 10.22
CA SER A 29 -1.28 2.17 10.48
C SER A 29 -1.18 2.94 9.16
N ILE A 30 -2.32 3.03 8.49
CA ILE A 30 -2.38 3.74 7.21
C ILE A 30 -2.47 5.23 7.47
N PRO A 31 -3.46 5.62 8.32
CA PRO A 31 -3.68 7.01 8.66
C PRO A 31 -2.60 7.51 9.63
N LYS A 32 -1.74 6.58 10.03
CA LYS A 32 -0.67 6.92 10.95
C LYS A 32 0.61 7.22 10.16
N SER A 33 0.42 7.53 8.90
CA SER A 33 1.54 7.84 8.02
C SER A 33 2.49 6.64 7.94
N ALA A 34 1.91 5.46 7.97
CA ALA A 34 2.68 4.23 7.90
C ALA A 34 3.77 4.26 8.98
N SER A 35 3.37 4.74 10.15
CA SER A 35 4.29 4.82 11.27
C SER A 35 4.74 3.42 11.69
N ARG A 36 4.00 2.43 11.21
CA ARG A 36 4.31 1.04 11.52
C ARG A 36 4.92 0.35 10.30
N ALA A 37 5.89 1.02 9.70
CA ALA A 37 6.56 0.48 8.54
C ALA A 37 7.90 1.20 8.34
N SER A 38 7.88 2.18 7.45
CA SER A 38 9.08 2.95 7.16
C SER A 38 10.20 2.01 6.71
N SER A 39 9.96 1.36 5.58
CA SER A 39 10.95 0.44 5.02
C SER A 39 10.37 -0.26 3.80
N ARG A 40 9.10 -0.64 3.90
CA ARG A 40 8.42 -1.31 2.82
C ARG A 40 6.97 -0.86 2.73
N ALA A 41 6.75 0.41 3.05
CA ALA A 41 5.42 0.98 3.02
C ALA A 41 5.45 2.30 2.23
N SER A 42 6.60 2.58 1.66
CA SER A 42 6.79 3.79 0.88
C SER A 42 6.19 3.61 -0.52
N PRO A 43 6.60 2.48 -1.17
CA PRO A 43 6.13 2.17 -2.51
C PRO A 43 4.68 1.68 -2.47
N LYS A 44 4.36 0.97 -1.40
CA LYS A 44 3.02 0.43 -1.24
C LYS A 44 2.12 1.49 -0.60
N GLY A 45 2.72 2.26 0.29
CA GLY A 45 2.00 3.31 0.98
C GLY A 45 1.04 4.04 0.03
N PHE A 46 1.61 4.52 -1.07
CA PHE A 46 0.82 5.23 -2.06
C PHE A 46 -0.50 4.50 -2.34
N LEU A 47 -0.42 3.18 -2.32
CA LEU A 47 -1.59 2.36 -2.56
C LEU A 47 -2.40 2.23 -1.28
N LEU A 48 -1.69 2.25 -0.16
CA LEU A 48 -2.34 2.13 1.14
C LEU A 48 -3.07 3.44 1.45
N ASN A 49 -2.49 4.53 0.97
CA ASN A 49 -3.09 5.85 1.20
C ASN A 49 -4.45 5.91 0.50
N ARG A 50 -4.48 5.36 -0.70
CA ARG A 50 -5.71 5.35 -1.48
C ARG A 50 -6.79 4.53 -0.77
N ALA A 51 -6.34 3.46 -0.11
CA ALA A 51 -7.25 2.59 0.61
C ALA A 51 -8.00 3.41 1.66
N VAL A 52 -7.31 4.42 2.18
CA VAL A 52 -7.89 5.28 3.19
C VAL A 52 -8.79 6.32 2.52
N GLN A 53 -8.32 6.82 1.39
CA GLN A 53 -9.05 7.82 0.63
C GLN A 53 -10.47 7.31 0.32
N TYR A 54 -10.52 6.17 -0.34
CA TYR A 54 -11.79 5.58 -0.70
C TYR A 54 -12.34 4.72 0.44
N ALA A 2 6.08 9.95 -13.46
CA ALA A 2 6.01 8.59 -12.95
C ALA A 2 4.90 8.50 -11.90
N SER A 3 3.67 8.71 -12.34
CA SER A 3 2.53 8.66 -11.45
C SER A 3 1.33 8.05 -12.16
N ARG A 4 0.35 7.64 -11.37
CA ARG A 4 -0.85 7.04 -11.91
C ARG A 4 -0.57 5.60 -12.37
N ARG A 5 0.40 5.48 -13.27
CA ARG A 5 0.78 4.18 -13.78
C ARG A 5 1.34 3.30 -12.65
N LEU A 6 1.97 3.96 -11.69
CA LEU A 6 2.54 3.25 -10.56
C LEU A 6 1.41 2.63 -9.73
N LEU A 7 0.23 3.20 -9.87
CA LEU A 7 -0.92 2.71 -9.14
C LEU A 7 -1.34 1.35 -9.69
N ALA A 8 -1.00 1.12 -10.95
CA ALA A 8 -1.31 -0.13 -11.61
C ALA A 8 -0.41 -1.24 -11.05
N SER A 9 0.88 -1.06 -11.26
CA SER A 9 1.85 -2.03 -10.79
C SER A 9 1.64 -2.30 -9.30
N LEU A 10 1.21 -1.26 -8.60
CA LEU A 10 0.96 -1.37 -7.17
C LEU A 10 -0.23 -2.27 -6.93
N LEU A 11 -1.19 -2.20 -7.84
CA LEU A 11 -2.39 -3.02 -7.75
C LEU A 11 -2.06 -4.46 -8.11
N ARG A 12 -1.44 -4.62 -9.27
CA ARG A 12 -1.06 -5.94 -9.74
C ARG A 12 -0.22 -6.66 -8.68
N GLN A 13 0.86 -6.00 -8.29
CA GLN A 13 1.75 -6.57 -7.29
C GLN A 13 0.95 -7.03 -6.06
N SER A 14 -0.19 -6.39 -5.86
CA SER A 14 -1.05 -6.72 -4.75
C SER A 14 -2.12 -7.71 -5.18
N ALA A 15 -2.39 -7.71 -6.48
CA ALA A 15 -3.39 -8.61 -7.04
C ALA A 15 -2.82 -10.03 -7.09
N GLN A 16 -1.58 -10.11 -7.56
CA GLN A 16 -0.90 -11.40 -7.68
C GLN A 16 -0.80 -12.07 -6.31
N ARG A 17 -0.96 -11.25 -5.27
CA ARG A 17 -0.88 -11.74 -3.91
C ARG A 17 -2.20 -11.51 -3.19
N GLY A 18 -3.28 -11.95 -3.82
CA GLY A 18 -4.61 -11.80 -3.26
C GLY A 18 -4.65 -12.31 -1.82
N GLY A 19 -3.70 -13.17 -1.50
CA GLY A 19 -3.61 -13.74 -0.18
C GLY A 19 -3.99 -12.72 0.89
N GLY A 20 -3.30 -11.59 0.85
CA GLY A 20 -3.56 -10.52 1.81
C GLY A 20 -2.28 -9.76 2.13
N LEU A 21 -1.90 -9.80 3.40
CA LEU A 21 -0.71 -9.11 3.86
C LEU A 21 -0.81 -7.62 3.50
N ILE A 22 -2.04 -7.16 3.38
CA ILE A 22 -2.29 -5.76 3.06
C ILE A 22 -3.61 -5.32 3.67
N SER A 23 -4.62 -6.17 3.52
CA SER A 23 -5.94 -5.88 4.05
C SER A 23 -5.80 -5.16 5.39
N ARG A 24 -5.41 -5.93 6.41
CA ARG A 24 -5.24 -5.38 7.74
C ARG A 24 -3.80 -5.59 8.23
N SER A 25 -2.91 -5.80 7.27
CA SER A 25 -1.51 -6.03 7.58
C SER A 25 -0.79 -4.68 7.73
N LEU A 26 -0.40 -4.13 6.59
CA LEU A 26 0.29 -2.85 6.58
C LEU A 26 -0.72 -1.72 6.80
N GLY A 27 -1.99 -2.07 6.65
CA GLY A 27 -3.06 -1.10 6.83
C GLY A 27 -3.34 -0.86 8.31
N ASN A 28 -2.52 -1.48 9.15
CA ASN A 28 -2.67 -1.35 10.58
C ASN A 28 -2.46 0.11 10.97
N SER A 29 -1.58 0.77 10.22
CA SER A 29 -1.28 2.17 10.48
C SER A 29 -1.18 2.94 9.16
N ILE A 30 -2.32 3.03 8.49
CA ILE A 30 -2.38 3.74 7.21
C ILE A 30 -2.47 5.23 7.47
N PRO A 31 -3.46 5.62 8.32
CA PRO A 31 -3.68 7.01 8.66
C PRO A 31 -2.60 7.51 9.63
N LYS A 32 -1.74 6.58 10.03
CA LYS A 32 -0.67 6.92 10.95
C LYS A 32 0.61 7.22 10.16
N SER A 33 0.42 7.53 8.90
CA SER A 33 1.54 7.84 8.02
C SER A 33 2.49 6.64 7.94
N ALA A 34 1.91 5.46 7.97
CA ALA A 34 2.68 4.23 7.90
C ALA A 34 3.77 4.26 8.98
N SER A 35 3.37 4.74 10.15
CA SER A 35 4.29 4.82 11.27
C SER A 35 4.74 3.42 11.69
N ARG A 36 4.00 2.43 11.21
CA ARG A 36 4.31 1.04 11.52
C ARG A 36 4.92 0.35 10.30
N ALA A 37 5.89 1.02 9.70
CA ALA A 37 6.56 0.48 8.54
C ALA A 37 7.90 1.20 8.34
N SER A 38 7.88 2.18 7.45
CA SER A 38 9.08 2.95 7.16
C SER A 38 10.20 2.01 6.71
N SER A 39 9.96 1.36 5.58
CA SER A 39 10.95 0.44 5.02
C SER A 39 10.37 -0.26 3.80
N ARG A 40 9.10 -0.64 3.90
CA ARG A 40 8.42 -1.31 2.82
C ARG A 40 6.97 -0.86 2.73
N ALA A 41 6.75 0.41 3.05
CA ALA A 41 5.42 0.98 3.02
C ALA A 41 5.45 2.30 2.23
N SER A 42 6.60 2.58 1.66
CA SER A 42 6.79 3.79 0.88
C SER A 42 6.19 3.61 -0.52
N PRO A 43 6.60 2.48 -1.17
CA PRO A 43 6.13 2.17 -2.51
C PRO A 43 4.68 1.68 -2.47
N LYS A 44 4.36 0.97 -1.40
CA LYS A 44 3.02 0.43 -1.24
C LYS A 44 2.12 1.49 -0.60
N GLY A 45 2.72 2.26 0.29
CA GLY A 45 2.00 3.31 0.98
C GLY A 45 1.04 4.04 0.03
N PHE A 46 1.61 4.52 -1.07
CA PHE A 46 0.82 5.23 -2.06
C PHE A 46 -0.50 4.50 -2.34
N LEU A 47 -0.42 3.18 -2.32
CA LEU A 47 -1.59 2.36 -2.56
C LEU A 47 -2.40 2.23 -1.28
N LEU A 48 -1.69 2.25 -0.16
CA LEU A 48 -2.34 2.13 1.14
C LEU A 48 -3.07 3.44 1.45
N ASN A 49 -2.49 4.53 0.97
CA ASN A 49 -3.09 5.85 1.20
C ASN A 49 -4.45 5.91 0.50
N ARG A 50 -4.48 5.36 -0.70
CA ARG A 50 -5.71 5.35 -1.48
C ARG A 50 -6.79 4.53 -0.77
N ALA A 51 -6.34 3.46 -0.11
CA ALA A 51 -7.25 2.59 0.61
C ALA A 51 -8.00 3.41 1.66
N VAL A 52 -7.31 4.42 2.18
CA VAL A 52 -7.89 5.28 3.19
C VAL A 52 -8.79 6.32 2.52
N GLN A 53 -8.32 6.82 1.39
CA GLN A 53 -9.05 7.82 0.63
C GLN A 53 -10.47 7.31 0.32
N TYR A 54 -10.52 6.17 -0.34
CA TYR A 54 -11.79 5.58 -0.70
C TYR A 54 -12.34 4.72 0.44
N ALA A 2 6.08 9.95 -13.46
CA ALA A 2 6.01 8.59 -12.95
C ALA A 2 4.90 8.50 -11.90
N SER A 3 3.67 8.71 -12.34
CA SER A 3 2.53 8.66 -11.45
C SER A 3 1.33 8.05 -12.16
N ARG A 4 0.35 7.64 -11.37
CA ARG A 4 -0.85 7.04 -11.91
C ARG A 4 -0.57 5.60 -12.37
N ARG A 5 0.40 5.48 -13.27
CA ARG A 5 0.78 4.18 -13.78
C ARG A 5 1.34 3.30 -12.65
N LEU A 6 1.97 3.96 -11.69
CA LEU A 6 2.54 3.25 -10.56
C LEU A 6 1.41 2.63 -9.73
N LEU A 7 0.23 3.20 -9.87
CA LEU A 7 -0.92 2.71 -9.14
C LEU A 7 -1.34 1.35 -9.69
N ALA A 8 -1.00 1.12 -10.95
CA ALA A 8 -1.31 -0.13 -11.61
C ALA A 8 -0.41 -1.24 -11.05
N SER A 9 0.88 -1.06 -11.26
CA SER A 9 1.85 -2.03 -10.79
C SER A 9 1.64 -2.30 -9.30
N LEU A 10 1.21 -1.26 -8.60
CA LEU A 10 0.96 -1.37 -7.17
C LEU A 10 -0.23 -2.27 -6.93
N LEU A 11 -1.19 -2.20 -7.84
CA LEU A 11 -2.39 -3.02 -7.75
C LEU A 11 -2.06 -4.46 -8.11
N ARG A 12 -1.44 -4.62 -9.27
CA ARG A 12 -1.06 -5.94 -9.74
C ARG A 12 -0.22 -6.66 -8.68
N GLN A 13 0.86 -6.00 -8.29
CA GLN A 13 1.75 -6.57 -7.29
C GLN A 13 0.95 -7.03 -6.06
N SER A 14 -0.19 -6.39 -5.86
CA SER A 14 -1.05 -6.72 -4.75
C SER A 14 -2.12 -7.71 -5.18
N ALA A 15 -2.39 -7.71 -6.48
CA ALA A 15 -3.39 -8.61 -7.04
C ALA A 15 -2.82 -10.03 -7.09
N GLN A 16 -1.58 -10.11 -7.56
CA GLN A 16 -0.90 -11.40 -7.68
C GLN A 16 -0.80 -12.07 -6.31
N ARG A 17 -0.96 -11.25 -5.27
CA ARG A 17 -0.88 -11.74 -3.91
C ARG A 17 -2.20 -11.51 -3.19
N GLY A 18 -3.28 -11.95 -3.82
CA GLY A 18 -4.61 -11.80 -3.26
C GLY A 18 -4.65 -12.31 -1.82
N GLY A 19 -3.70 -13.17 -1.50
CA GLY A 19 -3.61 -13.74 -0.18
C GLY A 19 -3.99 -12.72 0.89
N GLY A 20 -3.30 -11.59 0.85
CA GLY A 20 -3.56 -10.52 1.81
C GLY A 20 -2.28 -9.76 2.13
N LEU A 21 -1.90 -9.80 3.40
CA LEU A 21 -0.71 -9.11 3.86
C LEU A 21 -0.81 -7.62 3.50
N ILE A 22 -2.04 -7.16 3.38
CA ILE A 22 -2.29 -5.76 3.06
C ILE A 22 -3.61 -5.32 3.67
N SER A 23 -4.62 -6.17 3.52
CA SER A 23 -5.94 -5.88 4.05
C SER A 23 -5.80 -5.16 5.39
N ARG A 24 -5.41 -5.93 6.41
CA ARG A 24 -5.24 -5.38 7.74
C ARG A 24 -3.80 -5.59 8.23
N SER A 25 -2.91 -5.80 7.27
CA SER A 25 -1.51 -6.03 7.58
C SER A 25 -0.79 -4.68 7.73
N LEU A 26 -0.40 -4.13 6.59
CA LEU A 26 0.29 -2.85 6.58
C LEU A 26 -0.72 -1.72 6.80
N GLY A 27 -1.99 -2.07 6.65
CA GLY A 27 -3.06 -1.10 6.83
C GLY A 27 -3.34 -0.86 8.31
N ASN A 28 -2.52 -1.48 9.15
CA ASN A 28 -2.67 -1.35 10.58
C ASN A 28 -2.46 0.11 10.97
N SER A 29 -1.58 0.77 10.22
CA SER A 29 -1.28 2.17 10.48
C SER A 29 -1.18 2.94 9.16
N ILE A 30 -2.32 3.03 8.49
CA ILE A 30 -2.38 3.74 7.21
C ILE A 30 -2.47 5.23 7.47
N PRO A 31 -3.46 5.62 8.32
CA PRO A 31 -3.68 7.01 8.66
C PRO A 31 -2.60 7.51 9.63
N LYS A 32 -1.74 6.58 10.03
CA LYS A 32 -0.67 6.92 10.95
C LYS A 32 0.61 7.22 10.16
N SER A 33 0.42 7.53 8.90
CA SER A 33 1.54 7.84 8.02
C SER A 33 2.49 6.64 7.94
N ALA A 34 1.91 5.46 7.97
CA ALA A 34 2.68 4.23 7.90
C ALA A 34 3.77 4.26 8.98
N SER A 35 3.37 4.74 10.15
CA SER A 35 4.29 4.82 11.27
C SER A 35 4.74 3.42 11.69
N ARG A 36 4.00 2.43 11.21
CA ARG A 36 4.31 1.04 11.52
C ARG A 36 4.92 0.35 10.30
N ALA A 37 5.89 1.02 9.70
CA ALA A 37 6.56 0.48 8.54
C ALA A 37 7.90 1.20 8.34
N SER A 38 7.88 2.18 7.45
CA SER A 38 9.08 2.95 7.16
C SER A 38 10.20 2.01 6.71
N SER A 39 9.96 1.36 5.58
CA SER A 39 10.95 0.44 5.02
C SER A 39 10.37 -0.26 3.80
N ARG A 40 9.10 -0.64 3.90
CA ARG A 40 8.42 -1.31 2.82
C ARG A 40 6.97 -0.86 2.73
N ALA A 41 6.75 0.41 3.05
CA ALA A 41 5.42 0.98 3.02
C ALA A 41 5.45 2.30 2.23
N SER A 42 6.60 2.58 1.66
CA SER A 42 6.79 3.79 0.88
C SER A 42 6.19 3.61 -0.52
N PRO A 43 6.60 2.48 -1.17
CA PRO A 43 6.13 2.17 -2.51
C PRO A 43 4.68 1.68 -2.47
N LYS A 44 4.36 0.97 -1.40
CA LYS A 44 3.02 0.43 -1.24
C LYS A 44 2.12 1.49 -0.60
N GLY A 45 2.72 2.26 0.29
CA GLY A 45 2.00 3.31 0.98
C GLY A 45 1.04 4.04 0.03
N PHE A 46 1.61 4.52 -1.07
CA PHE A 46 0.82 5.23 -2.06
C PHE A 46 -0.50 4.50 -2.34
N LEU A 47 -0.42 3.18 -2.32
CA LEU A 47 -1.59 2.36 -2.56
C LEU A 47 -2.40 2.23 -1.28
N LEU A 48 -1.69 2.25 -0.16
CA LEU A 48 -2.34 2.13 1.14
C LEU A 48 -3.07 3.44 1.45
N ASN A 49 -2.49 4.53 0.97
CA ASN A 49 -3.09 5.85 1.20
C ASN A 49 -4.45 5.91 0.50
N ARG A 50 -4.48 5.36 -0.70
CA ARG A 50 -5.71 5.35 -1.48
C ARG A 50 -6.79 4.53 -0.77
N ALA A 51 -6.34 3.46 -0.11
CA ALA A 51 -7.25 2.59 0.61
C ALA A 51 -8.00 3.41 1.66
N VAL A 52 -7.31 4.42 2.18
CA VAL A 52 -7.89 5.28 3.19
C VAL A 52 -8.79 6.32 2.52
N GLN A 53 -8.32 6.82 1.39
CA GLN A 53 -9.05 7.82 0.63
C GLN A 53 -10.47 7.31 0.32
N TYR A 54 -10.52 6.17 -0.34
CA TYR A 54 -11.79 5.58 -0.70
C TYR A 54 -12.34 4.72 0.44
N ALA A 2 6.08 9.95 -13.46
CA ALA A 2 6.01 8.59 -12.95
C ALA A 2 4.90 8.50 -11.90
N SER A 3 3.67 8.71 -12.34
CA SER A 3 2.53 8.66 -11.45
C SER A 3 1.33 8.05 -12.16
N ARG A 4 0.35 7.64 -11.37
CA ARG A 4 -0.85 7.04 -11.91
C ARG A 4 -0.57 5.60 -12.37
N ARG A 5 0.40 5.48 -13.27
CA ARG A 5 0.78 4.18 -13.78
C ARG A 5 1.34 3.30 -12.65
N LEU A 6 1.97 3.96 -11.69
CA LEU A 6 2.54 3.25 -10.56
C LEU A 6 1.41 2.63 -9.73
N LEU A 7 0.23 3.20 -9.87
CA LEU A 7 -0.92 2.71 -9.14
C LEU A 7 -1.34 1.35 -9.69
N ALA A 8 -1.00 1.12 -10.95
CA ALA A 8 -1.31 -0.13 -11.61
C ALA A 8 -0.41 -1.24 -11.05
N SER A 9 0.88 -1.06 -11.26
CA SER A 9 1.85 -2.03 -10.79
C SER A 9 1.64 -2.30 -9.30
N LEU A 10 1.21 -1.26 -8.60
CA LEU A 10 0.96 -1.37 -7.17
C LEU A 10 -0.23 -2.27 -6.93
N LEU A 11 -1.19 -2.20 -7.84
CA LEU A 11 -2.39 -3.02 -7.75
C LEU A 11 -2.06 -4.46 -8.11
N ARG A 12 -1.44 -4.62 -9.27
CA ARG A 12 -1.06 -5.94 -9.74
C ARG A 12 -0.22 -6.66 -8.68
N GLN A 13 0.86 -6.00 -8.29
CA GLN A 13 1.75 -6.57 -7.29
C GLN A 13 0.95 -7.03 -6.06
N SER A 14 -0.19 -6.39 -5.86
CA SER A 14 -1.05 -6.72 -4.75
C SER A 14 -2.12 -7.71 -5.18
N ALA A 15 -2.39 -7.71 -6.48
CA ALA A 15 -3.39 -8.61 -7.04
C ALA A 15 -2.82 -10.03 -7.09
N GLN A 16 -1.58 -10.11 -7.56
CA GLN A 16 -0.90 -11.40 -7.68
C GLN A 16 -0.80 -12.07 -6.31
N ARG A 17 -0.96 -11.25 -5.27
CA ARG A 17 -0.88 -11.74 -3.91
C ARG A 17 -2.20 -11.51 -3.19
N GLY A 18 -3.28 -11.95 -3.82
CA GLY A 18 -4.61 -11.80 -3.26
C GLY A 18 -4.65 -12.31 -1.82
N GLY A 19 -3.70 -13.17 -1.50
CA GLY A 19 -3.61 -13.74 -0.18
C GLY A 19 -3.99 -12.72 0.89
N GLY A 20 -3.30 -11.59 0.85
CA GLY A 20 -3.56 -10.52 1.81
C GLY A 20 -2.28 -9.76 2.13
N LEU A 21 -1.90 -9.80 3.40
CA LEU A 21 -0.71 -9.11 3.86
C LEU A 21 -0.81 -7.62 3.50
N ILE A 22 -2.04 -7.16 3.38
CA ILE A 22 -2.29 -5.76 3.06
C ILE A 22 -3.61 -5.32 3.67
N SER A 23 -4.62 -6.17 3.52
CA SER A 23 -5.94 -5.88 4.05
C SER A 23 -5.80 -5.16 5.39
N ARG A 24 -5.41 -5.93 6.41
CA ARG A 24 -5.24 -5.38 7.74
C ARG A 24 -3.80 -5.59 8.23
N SER A 25 -2.91 -5.80 7.27
CA SER A 25 -1.51 -6.03 7.58
C SER A 25 -0.79 -4.68 7.73
N LEU A 26 -0.40 -4.13 6.59
CA LEU A 26 0.29 -2.85 6.58
C LEU A 26 -0.72 -1.72 6.80
N GLY A 27 -1.99 -2.07 6.65
CA GLY A 27 -3.06 -1.10 6.83
C GLY A 27 -3.34 -0.86 8.31
N ASN A 28 -2.52 -1.48 9.15
CA ASN A 28 -2.67 -1.35 10.58
C ASN A 28 -2.46 0.11 10.97
N SER A 29 -1.58 0.77 10.22
CA SER A 29 -1.28 2.17 10.48
C SER A 29 -1.18 2.94 9.16
N ILE A 30 -2.32 3.03 8.49
CA ILE A 30 -2.38 3.74 7.21
C ILE A 30 -2.47 5.23 7.47
N PRO A 31 -3.46 5.62 8.32
CA PRO A 31 -3.68 7.01 8.66
C PRO A 31 -2.60 7.51 9.63
N LYS A 32 -1.74 6.58 10.03
CA LYS A 32 -0.67 6.92 10.95
C LYS A 32 0.61 7.22 10.16
N SER A 33 0.42 7.53 8.90
CA SER A 33 1.54 7.84 8.02
C SER A 33 2.49 6.64 7.94
N ALA A 34 1.91 5.46 7.97
CA ALA A 34 2.68 4.23 7.90
C ALA A 34 3.77 4.26 8.98
N SER A 35 3.37 4.74 10.15
CA SER A 35 4.29 4.82 11.27
C SER A 35 4.74 3.42 11.69
N ARG A 36 4.00 2.43 11.21
CA ARG A 36 4.31 1.04 11.52
C ARG A 36 4.92 0.35 10.30
N ALA A 37 5.89 1.02 9.70
CA ALA A 37 6.56 0.48 8.54
C ALA A 37 7.90 1.20 8.34
N SER A 38 7.88 2.18 7.45
CA SER A 38 9.08 2.95 7.16
C SER A 38 10.20 2.01 6.71
N SER A 39 9.96 1.36 5.58
CA SER A 39 10.95 0.44 5.02
C SER A 39 10.37 -0.26 3.80
N ARG A 40 9.10 -0.64 3.90
CA ARG A 40 8.42 -1.31 2.82
C ARG A 40 6.97 -0.86 2.73
N ALA A 41 6.75 0.41 3.05
CA ALA A 41 5.42 0.98 3.02
C ALA A 41 5.45 2.30 2.23
N SER A 42 6.60 2.58 1.66
CA SER A 42 6.79 3.79 0.88
C SER A 42 6.19 3.61 -0.52
N PRO A 43 6.60 2.48 -1.17
CA PRO A 43 6.13 2.17 -2.51
C PRO A 43 4.68 1.68 -2.47
N LYS A 44 4.36 0.97 -1.40
CA LYS A 44 3.02 0.43 -1.24
C LYS A 44 2.12 1.49 -0.60
N GLY A 45 2.72 2.26 0.29
CA GLY A 45 2.00 3.31 0.98
C GLY A 45 1.04 4.04 0.03
N PHE A 46 1.61 4.52 -1.07
CA PHE A 46 0.82 5.23 -2.06
C PHE A 46 -0.50 4.50 -2.34
N LEU A 47 -0.42 3.18 -2.32
CA LEU A 47 -1.59 2.36 -2.56
C LEU A 47 -2.40 2.23 -1.28
N LEU A 48 -1.69 2.25 -0.16
CA LEU A 48 -2.34 2.13 1.14
C LEU A 48 -3.07 3.44 1.45
N ASN A 49 -2.49 4.53 0.97
CA ASN A 49 -3.09 5.85 1.20
C ASN A 49 -4.45 5.91 0.50
N ARG A 50 -4.48 5.36 -0.70
CA ARG A 50 -5.71 5.35 -1.48
C ARG A 50 -6.79 4.53 -0.77
N ALA A 51 -6.34 3.46 -0.11
CA ALA A 51 -7.25 2.59 0.61
C ALA A 51 -8.00 3.41 1.66
N VAL A 52 -7.31 4.42 2.18
CA VAL A 52 -7.89 5.28 3.19
C VAL A 52 -8.79 6.32 2.52
N GLN A 53 -8.32 6.82 1.39
CA GLN A 53 -9.05 7.82 0.63
C GLN A 53 -10.47 7.31 0.32
N TYR A 54 -10.52 6.17 -0.34
CA TYR A 54 -11.79 5.58 -0.70
C TYR A 54 -12.34 4.72 0.44
N ALA A 2 6.08 9.95 -13.46
CA ALA A 2 6.01 8.59 -12.95
C ALA A 2 4.90 8.50 -11.90
N SER A 3 3.67 8.71 -12.34
CA SER A 3 2.53 8.66 -11.45
C SER A 3 1.33 8.05 -12.16
N ARG A 4 0.35 7.64 -11.37
CA ARG A 4 -0.85 7.04 -11.91
C ARG A 4 -0.57 5.60 -12.37
N ARG A 5 0.40 5.48 -13.27
CA ARG A 5 0.78 4.18 -13.78
C ARG A 5 1.34 3.30 -12.65
N LEU A 6 1.97 3.96 -11.69
CA LEU A 6 2.54 3.25 -10.56
C LEU A 6 1.41 2.63 -9.73
N LEU A 7 0.23 3.20 -9.87
CA LEU A 7 -0.92 2.71 -9.14
C LEU A 7 -1.34 1.35 -9.69
N ALA A 8 -1.00 1.12 -10.95
CA ALA A 8 -1.31 -0.13 -11.61
C ALA A 8 -0.41 -1.24 -11.05
N SER A 9 0.88 -1.06 -11.26
CA SER A 9 1.85 -2.03 -10.79
C SER A 9 1.64 -2.30 -9.30
N LEU A 10 1.21 -1.26 -8.60
CA LEU A 10 0.96 -1.37 -7.17
C LEU A 10 -0.23 -2.27 -6.93
N LEU A 11 -1.19 -2.20 -7.84
CA LEU A 11 -2.39 -3.02 -7.75
C LEU A 11 -2.06 -4.46 -8.11
N ARG A 12 -1.44 -4.62 -9.27
CA ARG A 12 -1.06 -5.94 -9.74
C ARG A 12 -0.22 -6.66 -8.68
N GLN A 13 0.86 -6.00 -8.29
CA GLN A 13 1.75 -6.57 -7.29
C GLN A 13 0.95 -7.03 -6.06
N SER A 14 -0.19 -6.39 -5.86
CA SER A 14 -1.05 -6.72 -4.75
C SER A 14 -2.12 -7.71 -5.18
N ALA A 15 -2.39 -7.71 -6.48
CA ALA A 15 -3.39 -8.61 -7.04
C ALA A 15 -2.82 -10.03 -7.09
N GLN A 16 -1.58 -10.11 -7.56
CA GLN A 16 -0.90 -11.40 -7.68
C GLN A 16 -0.80 -12.07 -6.31
N ARG A 17 -0.96 -11.25 -5.27
CA ARG A 17 -0.88 -11.74 -3.91
C ARG A 17 -2.20 -11.51 -3.19
N GLY A 18 -3.28 -11.95 -3.82
CA GLY A 18 -4.61 -11.80 -3.26
C GLY A 18 -4.65 -12.31 -1.82
N GLY A 19 -3.70 -13.17 -1.50
CA GLY A 19 -3.61 -13.74 -0.18
C GLY A 19 -3.99 -12.72 0.89
N GLY A 20 -3.30 -11.59 0.85
CA GLY A 20 -3.56 -10.52 1.81
C GLY A 20 -2.28 -9.76 2.13
N LEU A 21 -1.90 -9.80 3.40
CA LEU A 21 -0.71 -9.11 3.86
C LEU A 21 -0.81 -7.62 3.50
N ILE A 22 -2.04 -7.16 3.38
CA ILE A 22 -2.29 -5.76 3.06
C ILE A 22 -3.61 -5.32 3.67
N SER A 23 -4.62 -6.17 3.52
CA SER A 23 -5.94 -5.88 4.05
C SER A 23 -5.80 -5.16 5.39
N ARG A 24 -5.41 -5.93 6.41
CA ARG A 24 -5.24 -5.38 7.74
C ARG A 24 -3.80 -5.59 8.23
N SER A 25 -2.91 -5.80 7.27
CA SER A 25 -1.51 -6.03 7.58
C SER A 25 -0.79 -4.68 7.73
N LEU A 26 -0.40 -4.13 6.59
CA LEU A 26 0.29 -2.85 6.58
C LEU A 26 -0.72 -1.72 6.80
N GLY A 27 -1.99 -2.07 6.65
CA GLY A 27 -3.06 -1.10 6.83
C GLY A 27 -3.34 -0.86 8.31
N ASN A 28 -2.52 -1.48 9.15
CA ASN A 28 -2.67 -1.35 10.58
C ASN A 28 -2.46 0.11 10.97
N SER A 29 -1.58 0.77 10.22
CA SER A 29 -1.28 2.17 10.48
C SER A 29 -1.18 2.94 9.16
N ILE A 30 -2.32 3.03 8.49
CA ILE A 30 -2.38 3.74 7.21
C ILE A 30 -2.47 5.23 7.47
N PRO A 31 -3.46 5.62 8.32
CA PRO A 31 -3.68 7.01 8.66
C PRO A 31 -2.60 7.51 9.63
N LYS A 32 -1.74 6.58 10.03
CA LYS A 32 -0.67 6.92 10.95
C LYS A 32 0.61 7.22 10.16
N SER A 33 0.42 7.53 8.90
CA SER A 33 1.54 7.84 8.02
C SER A 33 2.49 6.64 7.94
N ALA A 34 1.91 5.46 7.97
CA ALA A 34 2.68 4.23 7.90
C ALA A 34 3.77 4.26 8.98
N SER A 35 3.37 4.74 10.15
CA SER A 35 4.29 4.82 11.27
C SER A 35 4.74 3.42 11.69
N ARG A 36 4.00 2.43 11.21
CA ARG A 36 4.31 1.04 11.52
C ARG A 36 4.92 0.35 10.30
N ALA A 37 5.89 1.02 9.70
CA ALA A 37 6.56 0.48 8.54
C ALA A 37 7.90 1.20 8.34
N SER A 38 7.88 2.18 7.45
CA SER A 38 9.08 2.95 7.16
C SER A 38 10.20 2.01 6.71
N SER A 39 9.96 1.36 5.58
CA SER A 39 10.95 0.44 5.02
C SER A 39 10.37 -0.26 3.80
N ARG A 40 9.10 -0.64 3.90
CA ARG A 40 8.42 -1.31 2.82
C ARG A 40 6.97 -0.86 2.73
N ALA A 41 6.75 0.41 3.05
CA ALA A 41 5.42 0.98 3.02
C ALA A 41 5.45 2.30 2.23
N SER A 42 6.60 2.58 1.66
CA SER A 42 6.79 3.79 0.88
C SER A 42 6.19 3.61 -0.52
N PRO A 43 6.60 2.48 -1.17
CA PRO A 43 6.13 2.17 -2.51
C PRO A 43 4.68 1.68 -2.47
N LYS A 44 4.36 0.97 -1.40
CA LYS A 44 3.02 0.43 -1.24
C LYS A 44 2.12 1.49 -0.60
N GLY A 45 2.72 2.26 0.29
CA GLY A 45 2.00 3.31 0.98
C GLY A 45 1.04 4.04 0.03
N PHE A 46 1.61 4.52 -1.07
CA PHE A 46 0.82 5.23 -2.06
C PHE A 46 -0.50 4.50 -2.34
N LEU A 47 -0.42 3.18 -2.32
CA LEU A 47 -1.59 2.36 -2.56
C LEU A 47 -2.40 2.23 -1.28
N LEU A 48 -1.69 2.25 -0.16
CA LEU A 48 -2.34 2.13 1.14
C LEU A 48 -3.07 3.44 1.45
N ASN A 49 -2.49 4.53 0.97
CA ASN A 49 -3.09 5.85 1.20
C ASN A 49 -4.45 5.91 0.50
N ARG A 50 -4.48 5.36 -0.70
CA ARG A 50 -5.71 5.35 -1.48
C ARG A 50 -6.79 4.53 -0.77
N ALA A 51 -6.34 3.46 -0.11
CA ALA A 51 -7.25 2.59 0.61
C ALA A 51 -8.00 3.41 1.66
N VAL A 52 -7.31 4.42 2.18
CA VAL A 52 -7.89 5.28 3.19
C VAL A 52 -8.79 6.32 2.52
N GLN A 53 -8.32 6.82 1.39
CA GLN A 53 -9.05 7.82 0.63
C GLN A 53 -10.47 7.31 0.32
N TYR A 54 -10.52 6.17 -0.34
CA TYR A 54 -11.79 5.58 -0.70
C TYR A 54 -12.34 4.72 0.44
#